data_2Q8Z
#
_entry.id   2Q8Z
#
_cell.length_a   80.497
_cell.length_b   83.885
_cell.length_c   89.608
_cell.angle_alpha   90.00
_cell.angle_beta   90.00
_cell.angle_gamma   90.00
#
_symmetry.space_group_name_H-M   'P 21 21 2'
#
loop_
_entity.id
_entity.type
_entity.pdbx_description
1 polymer Orotidine-monophosphate-decarboxylase
2 non-polymer 'SULFATE ION'
3 non-polymer "6-AMINOURIDINE 5'-MONOPHOSPHATE"
4 non-polymer 2-(2-(2-(2-(2-(2-ETHOXYETHOXY)ETHOXY)ETHOXY)ETHOXY)ETHOXY)ETHANOL
5 non-polymer DI(HYDROXYETHYL)ETHER
6 water water
#
_entity_poly.entity_id   1
_entity_poly.type   'polypeptide(L)'
_entity_poly.pdbx_seq_one_letter_code
;MGSSHHHHHHSSGLVPRGSMGFKVKLEKRRNAINTCLCIGLDPDEKDIENFMKNEKENNYNNIKKNLKEKYINNVSIKKD
ILLKAPDNIIREEKSEEFFYFFNHFCFYIINETNKYALTFKMNFAFYIPYGSVGIDVLKNVFDYLYELNIPTILDMKIND
IGNTVKNYRKFIFEYLKSDSCTVNIYMGTNMLKDICYDEEKNKYYSAFVLVKTTNPDSAIFQKNLSLDNKQAYVIMAQEA
LNMSSYLNLEQNNEFIGFVVGANSYDEMNYIRTYFPNCYILSPGIGAQNGDLHKTLTNGYHKSYEKILINIGRAITKNPY
PQKAAQMYYDQINAILKQNMES
;
_entity_poly.pdbx_strand_id   A,B
#
loop_
_chem_comp.id
_chem_comp.type
_chem_comp.name
_chem_comp.formula
7PE non-polymer 2-(2-(2-(2-(2-(2-ETHOXYETHOXY)ETHOXY)ETHOXY)ETHOXY)ETHOXY)ETHANOL 'C14 H30 O7'
NUP non-polymer '6-AMINOURIDINE 5'-MONOPHOSPHATE' 'C9 H14 N3 O9 P'
PEG non-polymer DI(HYDROXYETHYL)ETHER 'C4 H10 O3'
SO4 non-polymer 'SULFATE ION' 'O4 S -2'
#
# COMPACT_ATOMS: atom_id res chain seq x y z
N GLY A 13 -12.21 37.10 -7.79
CA GLY A 13 -11.63 36.12 -8.76
C GLY A 13 -10.52 35.23 -8.24
N LEU A 14 -10.23 35.34 -6.94
CA LEU A 14 -9.14 34.58 -6.31
C LEU A 14 -9.66 33.43 -5.47
N VAL A 15 -9.01 32.28 -5.64
CA VAL A 15 -9.28 31.08 -4.86
C VAL A 15 -8.25 30.92 -3.72
N PRO A 16 -8.73 30.67 -2.48
CA PRO A 16 -7.84 30.41 -1.34
C PRO A 16 -7.21 29.01 -1.36
N ARG A 17 -6.08 28.88 -0.68
CA ARG A 17 -5.32 27.64 -0.57
C ARG A 17 -6.20 26.49 -0.12
N GLY A 18 -6.10 25.36 -0.81
CA GLY A 18 -6.90 24.17 -0.51
C GLY A 18 -8.27 24.14 -1.16
N SER A 19 -8.65 25.26 -1.80
CA SER A 19 -9.99 25.39 -2.36
C SER A 19 -9.99 25.44 -3.88
N MET A 20 -9.28 24.49 -4.47
CA MET A 20 -9.23 24.34 -5.92
C MET A 20 -8.78 22.94 -6.27
N GLY A 21 -9.13 22.50 -7.48
CA GLY A 21 -8.79 21.18 -7.97
C GLY A 21 -7.32 21.09 -8.29
N PHE A 22 -6.79 19.87 -8.27
CA PHE A 22 -5.37 19.65 -8.53
C PHE A 22 -4.86 20.20 -9.85
N LYS A 23 -5.64 20.08 -10.92
CA LYS A 23 -5.26 20.69 -12.19
C LYS A 23 -4.88 22.16 -12.01
N VAL A 24 -5.70 22.89 -11.25
CA VAL A 24 -5.55 24.34 -11.09
C VAL A 24 -4.36 24.62 -10.17
N LYS A 25 -4.22 23.79 -9.14
CA LYS A 25 -3.14 23.98 -8.21
C LYS A 25 -1.77 23.78 -8.90
N LEU A 26 -1.65 22.74 -9.74
CA LEU A 26 -0.42 22.48 -10.51
C LEU A 26 -0.08 23.58 -11.50
N GLU A 27 -1.10 24.02 -12.22
CA GLU A 27 -0.89 25.05 -13.24
C GLU A 27 -0.44 26.35 -12.57
N LYS A 28 -1.05 26.69 -11.44
CA LYS A 28 -0.67 27.92 -10.74
C LYS A 28 0.78 27.86 -10.25
N ARG A 29 1.16 26.73 -9.66
CA ARG A 29 2.53 26.60 -9.20
C ARG A 29 3.52 26.55 -10.35
N ARG A 30 3.16 25.88 -11.45
CA ARG A 30 4.00 25.89 -12.64
C ARG A 30 4.25 27.32 -13.14
N ASN A 31 3.19 28.13 -13.18
CA ASN A 31 3.31 29.54 -13.56
C ASN A 31 4.24 30.33 -12.64
N ALA A 32 4.24 29.95 -11.37
CA ALA A 32 5.06 30.64 -10.38
C ALA A 32 6.54 30.30 -10.56
N ILE A 33 6.85 29.00 -10.65
CA ILE A 33 8.25 28.62 -10.54
C ILE A 33 8.87 28.04 -11.81
N ASN A 34 8.03 27.84 -12.83
CA ASN A 34 8.46 27.50 -14.16
C ASN A 34 9.37 26.28 -14.20
N THR A 35 8.93 25.18 -13.58
CA THR A 35 9.67 23.94 -13.70
C THR A 35 8.67 22.76 -13.68
N CYS A 36 9.18 21.56 -13.92
CA CYS A 36 8.40 20.33 -13.72
C CYS A 36 9.13 19.35 -12.79
N LEU A 37 10.10 19.87 -12.04
CA LEU A 37 10.73 19.06 -11.00
C LEU A 37 9.73 18.57 -9.96
N CYS A 38 9.69 17.25 -9.79
CA CYS A 38 9.00 16.60 -8.67
C CYS A 38 10.04 16.03 -7.71
N ILE A 39 10.07 16.53 -6.47
CA ILE A 39 11.08 16.05 -5.54
C ILE A 39 10.54 14.84 -4.75
N GLY A 40 11.28 13.73 -4.81
CA GLY A 40 10.89 12.48 -4.13
C GLY A 40 11.43 12.47 -2.72
N LEU A 41 10.57 12.18 -1.73
CA LEU A 41 11.02 12.15 -0.35
C LEU A 41 10.83 10.72 0.17
N ASP A 42 11.89 9.94 0.04
CA ASP A 42 11.88 8.53 0.36
C ASP A 42 13.03 8.27 1.37
N PRO A 43 12.86 8.70 2.63
CA PRO A 43 13.96 8.55 3.58
C PRO A 43 14.15 7.09 4.02
N ASP A 44 15.35 6.55 3.90
CA ASP A 44 15.59 5.20 4.39
C ASP A 44 16.25 5.25 5.77
N GLU A 45 16.44 4.10 6.39
CA GLU A 45 16.99 4.06 7.74
C GLU A 45 18.36 4.71 7.81
N LYS A 46 19.17 4.52 6.77
CA LYS A 46 20.49 5.13 6.72
C LYS A 46 20.40 6.65 6.66
N ASP A 47 19.43 7.18 5.92
CA ASP A 47 19.25 8.63 5.85
C ASP A 47 18.91 9.20 7.23
N ILE A 48 18.00 8.54 7.96
CA ILE A 48 17.60 9.01 9.28
C ILE A 48 18.74 8.94 10.29
N GLU A 49 19.47 7.82 10.25
CA GLU A 49 20.62 7.63 11.14
C GLU A 49 21.72 8.64 10.84
N ASN A 50 21.97 8.87 9.56
N ASN A 50 22.00 8.86 9.55
CA ASN A 50 23.01 9.80 9.13
CA ASN A 50 23.03 9.81 9.17
C ASN A 50 22.68 11.24 9.53
C ASN A 50 22.66 11.22 9.64
N PHE A 51 21.40 11.60 9.41
CA PHE A 51 20.90 12.90 9.89
C PHE A 51 21.08 13.08 11.40
N MET A 52 20.65 12.07 12.17
CA MET A 52 20.87 12.10 13.62
C MET A 52 22.33 12.35 13.98
N LYS A 53 23.22 11.57 13.39
CA LYS A 53 24.66 11.67 13.65
C LYS A 53 25.25 13.05 13.32
N ASN A 54 24.96 13.52 12.11
CA ASN A 54 25.42 14.81 11.61
C ASN A 54 24.90 15.98 12.44
N GLU A 55 23.62 15.92 12.84
CA GLU A 55 23.06 16.94 13.70
C GLU A 55 23.74 16.91 15.06
N LYS A 56 23.95 15.70 15.61
CA LYS A 56 24.63 15.58 16.90
C LYS A 56 26.04 16.19 16.84
N GLU A 57 26.72 16.02 15.71
CA GLU A 57 28.06 16.57 15.52
C GLU A 57 28.08 18.08 15.36
N ASN A 58 26.95 18.67 14.99
CA ASN A 58 26.93 20.09 14.65
C ASN A 58 25.97 20.94 15.47
N ASN A 59 25.78 20.55 16.71
CA ASN A 59 24.78 21.13 17.63
C ASN A 59 23.43 21.44 16.97
N TYR A 60 22.98 20.48 16.15
CA TYR A 60 21.61 20.46 15.68
C TYR A 60 21.24 21.67 14.84
N ASN A 61 22.20 22.17 14.05
CA ASN A 61 21.98 23.39 13.28
C ASN A 61 20.72 23.31 12.43
N ASN A 62 20.52 22.18 11.77
CA ASN A 62 19.38 22.10 10.86
C ASN A 62 18.06 21.91 11.60
N ILE A 63 18.09 21.19 12.71
CA ILE A 63 16.86 21.06 13.48
C ILE A 63 16.46 22.43 14.04
N LYS A 64 17.42 23.19 14.52
CA LYS A 64 17.11 24.51 15.08
C LYS A 64 16.52 25.40 13.99
N LYS A 65 17.04 25.33 12.76
CA LYS A 65 16.37 26.04 11.67
C LYS A 65 14.96 25.52 11.38
N ASN A 66 14.73 24.21 11.41
CA ASN A 66 13.37 23.72 11.25
C ASN A 66 12.42 24.38 12.28
N LEU A 67 12.91 24.50 13.51
CA LEU A 67 12.06 24.95 14.61
C LEU A 67 11.67 26.43 14.51
N LYS A 68 12.35 27.16 13.66
CA LYS A 68 12.11 28.57 13.35
C LYS A 68 10.93 28.75 12.38
N GLU A 69 10.63 27.71 11.62
CA GLU A 69 9.62 27.83 10.58
C GLU A 69 8.22 27.92 11.17
N LYS A 70 7.44 28.91 10.75
CA LYS A 70 6.13 29.12 11.37
C LYS A 70 5.22 27.89 11.30
N TYR A 71 5.25 27.17 10.18
CA TYR A 71 4.26 26.11 9.97
C TYR A 71 4.47 24.80 10.71
N ILE A 72 5.62 24.66 11.34
CA ILE A 72 5.86 23.49 12.19
C ILE A 72 4.85 23.48 13.33
N ASN A 73 4.36 24.66 13.69
CA ASN A 73 3.34 24.75 14.74
C ASN A 73 1.95 24.28 14.33
N ASN A 74 1.78 23.99 13.04
CA ASN A 74 0.50 23.67 12.47
C ASN A 74 0.32 22.19 12.13
N VAL A 75 1.32 21.35 12.39
CA VAL A 75 1.20 19.93 12.06
C VAL A 75 0.43 19.20 13.18
N SER A 76 -0.07 18.01 12.91
CA SER A 76 -1.08 17.40 13.79
C SER A 76 -0.54 16.58 14.95
N ILE A 77 0.58 15.89 14.74
CA ILE A 77 0.97 14.81 15.64
C ILE A 77 2.18 15.11 16.48
N LYS A 78 2.02 14.96 17.80
CA LYS A 78 3.10 15.10 18.77
C LYS A 78 3.96 16.35 18.62
N LYS A 79 3.32 17.49 18.43
CA LYS A 79 4.03 18.77 18.44
C LYS A 79 4.83 18.98 19.72
N ASP A 80 4.29 18.50 20.84
CA ASP A 80 4.94 18.65 22.15
C ASP A 80 6.35 18.05 22.07
N ILE A 81 6.47 16.97 21.32
CA ILE A 81 7.75 16.30 21.11
C ILE A 81 8.57 17.00 20.01
N LEU A 82 7.94 17.28 18.88
CA LEU A 82 8.64 17.86 17.73
C LEU A 82 9.30 19.18 18.06
N LEU A 83 8.67 19.94 18.94
CA LEU A 83 9.12 21.30 19.23
C LEU A 83 10.06 21.39 20.43
N LYS A 84 10.37 20.24 21.02
CA LYS A 84 11.38 20.17 22.07
C LYS A 84 12.78 20.44 21.53
N ALA A 85 13.63 21.00 22.37
CA ALA A 85 15.06 21.18 22.07
C ALA A 85 15.67 19.79 21.85
N PRO A 86 16.51 19.64 20.82
CA PRO A 86 17.11 18.36 20.46
C PRO A 86 17.90 17.68 21.58
N ASP A 87 18.63 18.45 22.39
CA ASP A 87 19.32 17.82 23.51
C ASP A 87 18.37 17.32 24.57
N ASN A 88 17.19 17.93 24.69
CA ASN A 88 16.22 17.39 25.62
C ASN A 88 15.66 16.05 25.13
N ILE A 89 15.47 15.95 23.82
CA ILE A 89 14.99 14.71 23.24
C ILE A 89 15.92 13.55 23.61
N ILE A 90 17.20 13.72 23.31
CA ILE A 90 18.21 12.68 23.51
C ILE A 90 18.30 12.27 24.99
N ARG A 91 18.11 13.24 25.89
CA ARG A 91 18.30 12.99 27.32
C ARG A 91 17.04 12.57 28.07
N GLU A 92 15.94 13.23 27.75
CA GLU A 92 14.69 13.07 28.50
C GLU A 92 13.61 12.29 27.75
N GLU A 93 13.80 12.07 26.45
CA GLU A 93 12.75 11.46 25.62
C GLU A 93 13.33 10.40 24.69
N LYS A 94 14.12 9.47 25.22
CA LYS A 94 14.85 8.56 24.35
C LYS A 94 13.93 7.68 23.52
N SER A 95 12.72 7.38 24.03
CA SER A 95 11.76 6.58 23.26
C SER A 95 11.16 7.33 22.07
N GLU A 96 11.29 8.65 22.07
CA GLU A 96 10.81 9.47 20.96
C GLU A 96 11.91 9.96 20.03
N GLU A 97 13.14 9.51 20.28
CA GLU A 97 14.28 9.95 19.47
C GLU A 97 14.15 9.64 17.98
N PHE A 98 13.83 8.39 17.65
CA PHE A 98 13.62 8.02 16.26
C PHE A 98 12.51 8.86 15.60
N PHE A 99 11.33 8.95 16.22
CA PHE A 99 10.28 9.83 15.70
C PHE A 99 10.78 11.24 15.41
N TYR A 100 11.51 11.80 16.37
CA TYR A 100 11.92 13.20 16.26
C TYR A 100 12.91 13.44 15.13
N PHE A 101 13.94 12.61 15.05
CA PHE A 101 14.97 12.75 14.01
C PHE A 101 14.45 12.35 12.62
N PHE A 102 13.56 11.37 12.55
CA PHE A 102 12.92 11.03 11.27
C PHE A 102 12.09 12.22 10.80
N ASN A 103 11.24 12.76 11.68
CA ASN A 103 10.37 13.86 11.25
C ASN A 103 11.21 15.08 10.88
N HIS A 104 12.21 15.39 11.69
CA HIS A 104 13.01 16.57 11.40
C HIS A 104 13.85 16.37 10.14
N PHE A 105 14.24 15.13 9.82
CA PHE A 105 14.95 14.89 8.57
C PHE A 105 14.06 15.31 7.40
N CYS A 106 12.80 14.88 7.39
CA CYS A 106 11.88 15.23 6.30
C CYS A 106 11.59 16.73 6.23
N PHE A 107 11.43 17.37 7.38
CA PHE A 107 11.18 18.82 7.44
C PHE A 107 12.38 19.59 6.87
N TYR A 108 13.57 19.08 7.16
CA TYR A 108 14.82 19.68 6.70
C TYR A 108 14.88 19.58 5.19
N ILE A 109 14.63 18.40 4.63
CA ILE A 109 14.58 18.30 3.16
C ILE A 109 13.57 19.26 2.52
N ILE A 110 12.35 19.26 3.03
CA ILE A 110 11.31 20.17 2.55
C ILE A 110 11.76 21.62 2.64
N ASN A 111 12.27 22.02 3.80
CA ASN A 111 12.69 23.41 3.98
C ASN A 111 13.79 23.82 3.00
N GLU A 112 14.77 22.94 2.81
CA GLU A 112 15.90 23.27 1.93
C GLU A 112 15.54 23.30 0.45
N THR A 113 14.57 22.47 0.05
CA THR A 113 14.33 22.26 -1.39
C THR A 113 13.01 22.76 -1.98
N ASN A 114 12.05 23.10 -1.13
CA ASN A 114 10.70 23.34 -1.64
C ASN A 114 10.60 24.45 -2.67
N LYS A 115 11.45 25.47 -2.62
CA LYS A 115 11.35 26.56 -3.58
C LYS A 115 11.58 26.11 -5.02
N TYR A 116 12.18 24.94 -5.20
CA TYR A 116 12.45 24.40 -6.55
C TYR A 116 11.43 23.35 -7.01
N ALA A 117 10.52 22.96 -6.12
CA ALA A 117 9.69 21.79 -6.38
C ALA A 117 8.32 22.19 -6.93
N LEU A 118 7.97 21.66 -8.10
CA LEU A 118 6.58 21.74 -8.58
C LEU A 118 5.72 20.85 -7.68
N THR A 119 6.24 19.70 -7.25
N THR A 119 6.24 19.69 -7.29
CA THR A 119 5.46 18.77 -6.42
CA THR A 119 5.51 18.77 -6.41
C THR A 119 6.43 17.91 -5.60
C THR A 119 6.50 18.05 -5.49
N PHE A 120 5.97 17.40 -4.45
CA PHE A 120 6.75 16.43 -3.69
C PHE A 120 6.02 15.09 -3.82
N LYS A 121 6.77 14.01 -4.00
CA LYS A 121 6.19 12.65 -4.02
C LYS A 121 6.74 11.85 -2.86
N MET A 122 5.87 11.34 -2.00
CA MET A 122 6.30 10.56 -0.83
C MET A 122 5.94 9.12 -1.10
N ASN A 123 6.93 8.23 -1.11
CA ASN A 123 6.59 6.82 -1.32
C ASN A 123 6.27 6.17 0.01
N PHE A 124 5.04 5.68 0.14
CA PHE A 124 4.54 5.13 1.39
C PHE A 124 5.47 4.05 1.98
N ALA A 125 6.10 3.27 1.11
CA ALA A 125 6.88 2.13 1.57
C ALA A 125 7.95 2.55 2.57
N PHE A 126 8.45 3.78 2.43
CA PHE A 126 9.50 4.25 3.32
C PHE A 126 9.01 4.65 4.70
N TYR A 127 7.70 4.86 4.81
CA TYR A 127 7.14 5.35 6.07
C TYR A 127 6.50 4.27 6.93
N ILE A 128 6.44 3.04 6.42
CA ILE A 128 5.73 1.94 7.11
C ILE A 128 6.61 0.90 7.85
N PRO A 129 7.91 0.77 7.53
CA PRO A 129 8.62 -0.43 7.99
C PRO A 129 8.96 -0.44 9.47
N TYR A 130 8.72 0.67 10.17
CA TYR A 130 8.94 0.74 11.62
C TYR A 130 7.63 0.66 12.40
N GLY A 131 6.52 0.44 11.70
CA GLY A 131 5.20 0.43 12.32
C GLY A 131 4.54 1.80 12.38
N SER A 132 3.83 2.09 13.47
CA SER A 132 3.04 3.33 13.49
C SER A 132 3.88 4.61 13.49
N VAL A 133 5.14 4.56 13.94
CA VAL A 133 5.93 5.80 14.13
C VAL A 133 6.12 6.55 12.80
N GLY A 134 6.36 5.82 11.73
CA GLY A 134 6.56 6.42 10.40
C GLY A 134 5.30 7.02 9.81
N ILE A 135 4.12 6.52 10.21
CA ILE A 135 2.85 7.03 9.73
C ILE A 135 2.54 8.35 10.43
N ASP A 136 2.93 8.46 11.70
CA ASP A 136 2.89 9.78 12.33
C ASP A 136 3.79 10.78 11.59
N VAL A 137 5.01 10.37 11.23
CA VAL A 137 5.90 11.26 10.47
C VAL A 137 5.21 11.66 9.17
N LEU A 138 4.68 10.65 8.47
CA LEU A 138 4.06 10.87 7.14
C LEU A 138 2.88 11.86 7.21
N LYS A 139 2.05 11.69 8.24
CA LYS A 139 0.97 12.64 8.52
C LYS A 139 1.50 14.08 8.72
N ASN A 140 2.52 14.23 9.55
CA ASN A 140 3.12 15.56 9.77
C ASN A 140 3.72 16.14 8.49
N VAL A 141 4.32 15.28 7.67
CA VAL A 141 4.91 15.69 6.40
C VAL A 141 3.82 16.22 5.49
N PHE A 142 2.71 15.49 5.36
CA PHE A 142 1.59 15.97 4.54
C PHE A 142 0.90 17.23 5.09
N ASP A 143 0.78 17.34 6.40
CA ASP A 143 0.18 18.55 7.00
C ASP A 143 1.09 19.73 6.68
N TYR A 144 2.40 19.50 6.78
CA TYR A 144 3.38 20.57 6.53
C TYR A 144 3.34 21.04 5.08
N LEU A 145 3.39 20.10 4.15
CA LEU A 145 3.26 20.44 2.73
C LEU A 145 1.95 21.16 2.44
N TYR A 146 0.87 20.73 3.08
CA TYR A 146 -0.42 21.42 2.93
C TYR A 146 -0.36 22.89 3.38
N GLU A 147 0.28 23.12 4.52
CA GLU A 147 0.45 24.49 5.04
C GLU A 147 1.30 25.36 4.10
N LEU A 148 2.34 24.76 3.52
CA LEU A 148 3.18 25.46 2.54
C LEU A 148 2.53 25.61 1.16
N ASN A 149 1.43 24.87 0.93
CA ASN A 149 0.68 24.83 -0.33
C ASN A 149 1.49 24.21 -1.47
N ILE A 150 2.31 23.22 -1.20
N ILE A 150 2.29 23.20 -1.15
CA ILE A 150 3.08 22.60 -2.27
CA ILE A 150 3.09 22.48 -2.14
C ILE A 150 2.36 21.32 -2.67
C ILE A 150 2.25 21.29 -2.65
N PRO A 151 2.06 21.16 -3.98
CA PRO A 151 1.33 19.99 -4.52
C PRO A 151 1.97 18.69 -4.06
N THR A 152 1.15 17.67 -3.78
CA THR A 152 1.64 16.43 -3.19
C THR A 152 1.16 15.22 -3.99
N ILE A 153 1.98 14.17 -3.94
CA ILE A 153 1.64 12.87 -4.49
C ILE A 153 1.99 11.85 -3.40
N LEU A 154 1.08 10.94 -3.05
CA LEU A 154 1.43 9.79 -2.22
C LEU A 154 1.64 8.59 -3.16
N ASP A 155 2.87 8.09 -3.21
CA ASP A 155 3.18 6.99 -4.12
C ASP A 155 3.01 5.71 -3.33
N MET A 156 1.87 5.06 -3.55
CA MET A 156 1.51 3.87 -2.79
C MET A 156 1.10 2.69 -3.71
N LYS A 157 0.89 2.96 -4.99
CA LYS A 157 0.50 1.96 -5.96
C LYS A 157 -0.67 1.11 -5.50
N ILE A 158 -1.67 1.80 -5.00
CA ILE A 158 -2.77 1.11 -4.31
C ILE A 158 -3.61 0.30 -5.30
N ASN A 159 -4.18 -0.79 -4.81
CA ASN A 159 -5.11 -1.58 -5.62
C ASN A 159 -5.89 -2.52 -4.73
N ASP A 160 -7.20 -2.62 -4.99
CA ASP A 160 -8.05 -3.62 -4.34
C ASP A 160 -9.46 -3.57 -4.89
N ILE A 161 -10.36 -4.41 -4.37
CA ILE A 161 -11.77 -4.29 -4.73
C ILE A 161 -12.37 -2.98 -4.22
N GLY A 162 -13.46 -2.52 -4.85
CA GLY A 162 -14.10 -1.25 -4.46
C GLY A 162 -14.31 -1.02 -2.97
N ASN A 163 -14.98 -1.95 -2.30
CA ASN A 163 -15.26 -1.81 -0.87
C ASN A 163 -14.01 -1.64 0.01
N THR A 164 -12.93 -2.29 -0.36
CA THR A 164 -11.66 -2.21 0.38
C THR A 164 -10.90 -0.93 0.02
N VAL A 165 -10.86 -0.62 -1.26
CA VAL A 165 -10.01 0.47 -1.72
C VAL A 165 -10.48 1.85 -1.19
N LYS A 166 -11.77 1.97 -0.88
N LYS A 166 -11.76 1.99 -0.86
CA LYS A 166 -12.30 3.19 -0.28
CA LYS A 166 -12.24 3.26 -0.30
C LYS A 166 -11.48 3.59 0.95
C LYS A 166 -11.64 3.58 1.08
N ASN A 167 -10.97 2.61 1.68
CA ASN A 167 -10.22 2.88 2.91
C ASN A 167 -8.93 3.61 2.57
N TYR A 168 -8.31 3.22 1.46
CA TYR A 168 -7.14 3.96 0.99
C TYR A 168 -7.51 5.38 0.59
N ARG A 169 -8.63 5.55 -0.09
CA ARG A 169 -9.10 6.89 -0.43
C ARG A 169 -9.21 7.79 0.81
N LYS A 170 -9.88 7.29 1.84
CA LYS A 170 -9.97 8.01 3.11
C LYS A 170 -8.58 8.32 3.68
N PHE A 171 -7.68 7.33 3.75
CA PHE A 171 -6.34 7.62 4.26
C PHE A 171 -5.63 8.70 3.45
N ILE A 172 -5.62 8.52 2.13
CA ILE A 172 -4.82 9.41 1.28
C ILE A 172 -5.46 10.81 1.13
N PHE A 173 -6.75 10.84 0.85
CA PHE A 173 -7.37 12.14 0.52
C PHE A 173 -8.04 12.88 1.67
N GLU A 174 -8.46 12.14 2.69
CA GLU A 174 -9.06 12.79 3.87
C GLU A 174 -8.06 12.93 5.01
N TYR A 175 -7.34 11.86 5.34
CA TYR A 175 -6.44 11.94 6.50
C TYR A 175 -5.15 12.71 6.16
N LEU A 176 -4.49 12.32 5.08
CA LEU A 176 -3.28 13.03 4.67
C LEU A 176 -3.61 14.32 3.90
N LYS A 177 -4.82 14.41 3.34
CA LYS A 177 -5.19 15.55 2.47
C LYS A 177 -4.24 15.69 1.27
N SER A 178 -3.77 14.55 0.77
CA SER A 178 -2.97 14.51 -0.44
C SER A 178 -3.73 15.05 -1.65
N ASP A 179 -3.01 15.65 -2.60
CA ASP A 179 -3.63 16.01 -3.86
C ASP A 179 -3.75 14.83 -4.82
N SER A 180 -2.88 13.83 -4.72
CA SER A 180 -2.96 12.74 -5.69
C SER A 180 -2.29 11.49 -5.16
N CYS A 181 -2.43 10.40 -5.90
CA CYS A 181 -1.75 9.17 -5.47
C CYS A 181 -1.47 8.32 -6.71
N THR A 182 -0.62 7.30 -6.57
CA THR A 182 -0.41 6.36 -7.67
C THR A 182 -1.28 5.12 -7.44
N VAL A 183 -1.71 4.49 -8.51
CA VAL A 183 -2.70 3.41 -8.47
C VAL A 183 -2.24 2.34 -9.48
N ASN A 184 -2.37 1.07 -9.10
CA ASN A 184 -2.14 -0.03 -10.04
C ASN A 184 -3.51 -0.60 -10.47
N ILE A 185 -3.88 -0.39 -11.73
CA ILE A 185 -5.21 -0.77 -12.21
C ILE A 185 -5.28 -2.14 -12.90
N TYR A 186 -4.30 -3.01 -12.64
CA TYR A 186 -4.34 -4.35 -13.22
C TYR A 186 -5.62 -5.12 -12.87
N MET A 187 -6.13 -4.94 -11.65
CA MET A 187 -7.40 -5.55 -11.27
C MET A 187 -8.59 -5.07 -12.12
N GLY A 188 -8.52 -3.83 -12.59
CA GLY A 188 -9.58 -3.25 -13.41
C GLY A 188 -9.68 -1.76 -13.15
N THR A 189 -10.51 -1.07 -13.93
CA THR A 189 -10.60 0.38 -13.74
C THR A 189 -11.79 0.77 -12.86
N ASN A 190 -12.69 -0.16 -12.56
CA ASN A 190 -13.80 0.11 -11.65
C ASN A 190 -13.31 0.64 -10.30
N MET A 191 -12.18 0.12 -9.82
CA MET A 191 -11.57 0.64 -8.58
C MET A 191 -11.38 2.17 -8.58
N LEU A 192 -11.19 2.78 -9.75
CA LEU A 192 -11.04 4.25 -9.82
C LEU A 192 -12.27 5.04 -9.38
N LYS A 193 -13.45 4.41 -9.44
CA LYS A 193 -14.68 5.04 -8.95
C LYS A 193 -14.67 5.21 -7.44
N ASP A 194 -13.87 4.39 -6.77
CA ASP A 194 -13.75 4.37 -5.33
C ASP A 194 -12.47 5.03 -4.86
N ILE A 195 -11.68 5.57 -5.79
CA ILE A 195 -10.45 6.28 -5.43
C ILE A 195 -10.55 7.73 -5.86
N CYS A 196 -10.92 7.93 -7.11
CA CYS A 196 -10.95 9.29 -7.68
C CYS A 196 -12.29 9.97 -7.44
N TYR A 197 -13.24 9.25 -6.82
CA TYR A 197 -14.58 9.79 -6.57
C TYR A 197 -15.05 9.31 -5.21
N ASP A 198 -15.70 10.18 -4.44
CA ASP A 198 -16.36 9.80 -3.20
C ASP A 198 -17.84 10.13 -3.37
N GLU A 199 -18.68 9.14 -3.56
CA GLU A 199 -20.09 9.41 -3.88
C GLU A 199 -20.82 10.08 -2.72
N GLU A 200 -20.37 9.81 -1.50
CA GLU A 200 -21.07 10.33 -0.32
C GLU A 200 -20.91 11.85 -0.20
N LYS A 201 -19.68 12.31 -0.38
CA LYS A 201 -19.37 13.73 -0.30
C LYS A 201 -19.42 14.46 -1.65
N ASN A 202 -19.50 13.70 -2.73
CA ASN A 202 -19.45 14.23 -4.10
C ASN A 202 -18.15 15.00 -4.29
N LYS A 203 -17.04 14.37 -3.91
CA LYS A 203 -15.71 14.94 -4.09
C LYS A 203 -14.90 14.13 -5.10
N TYR A 204 -14.04 14.82 -5.85
CA TYR A 204 -13.26 14.20 -6.92
C TYR A 204 -11.78 14.34 -6.60
N TYR A 205 -11.00 13.31 -6.96
CA TYR A 205 -9.57 13.34 -6.68
C TYR A 205 -8.73 12.90 -7.86
N SER A 206 -7.45 13.23 -7.82
CA SER A 206 -6.54 12.90 -8.91
C SER A 206 -5.67 11.68 -8.62
N ALA A 207 -5.27 10.96 -9.68
CA ALA A 207 -4.39 9.81 -9.54
C ALA A 207 -3.53 9.63 -10.78
N PHE A 208 -2.41 8.96 -10.59
CA PHE A 208 -1.55 8.54 -11.70
C PHE A 208 -1.56 7.01 -11.72
N VAL A 209 -1.98 6.40 -12.82
CA VAL A 209 -1.99 4.94 -12.91
C VAL A 209 -0.69 4.40 -13.51
N LEU A 210 -0.28 3.21 -13.08
CA LEU A 210 0.95 2.66 -13.62
C LEU A 210 0.79 2.27 -15.08
N VAL A 211 1.68 2.82 -15.93
CA VAL A 211 1.63 2.51 -17.37
C VAL A 211 2.89 1.74 -17.82
N LYS A 212 4.05 2.37 -17.65
CA LYS A 212 5.32 1.71 -17.98
C LYS A 212 6.31 2.08 -16.87
N THR A 213 6.79 1.05 -16.18
CA THR A 213 7.63 1.28 -15.01
C THR A 213 9.15 1.10 -15.26
N THR A 214 9.96 1.46 -14.28
CA THR A 214 11.40 1.58 -14.51
C THR A 214 12.19 0.31 -14.18
N ASN A 215 11.54 -0.67 -13.57
CA ASN A 215 12.21 -1.89 -13.16
C ASN A 215 12.74 -2.62 -14.39
N PRO A 216 13.87 -3.32 -14.25
CA PRO A 216 14.47 -3.90 -15.46
C PRO A 216 13.60 -4.89 -16.23
N ASP A 217 12.73 -5.63 -15.56
CA ASP A 217 11.84 -6.58 -16.24
C ASP A 217 10.44 -6.04 -16.56
N SER A 218 10.24 -4.72 -16.58
CA SER A 218 8.90 -4.15 -16.74
C SER A 218 8.20 -4.59 -18.04
N ALA A 219 8.98 -5.01 -19.03
CA ALA A 219 8.37 -5.44 -20.29
C ALA A 219 7.55 -6.71 -20.18
N ILE A 220 7.82 -7.52 -19.16
CA ILE A 220 7.30 -8.88 -19.10
C ILE A 220 5.78 -8.98 -19.16
N PHE A 221 5.05 -8.03 -18.57
CA PHE A 221 3.60 -7.93 -18.76
C PHE A 221 3.18 -6.68 -19.51
N GLN A 222 3.79 -5.53 -19.19
CA GLN A 222 3.43 -4.25 -19.80
C GLN A 222 3.59 -4.19 -21.31
N LYS A 223 4.57 -4.93 -21.84
CA LYS A 223 4.77 -4.95 -23.28
C LYS A 223 4.43 -6.28 -23.93
N ASN A 224 4.80 -7.37 -23.27
CA ASN A 224 4.53 -8.71 -23.81
C ASN A 224 3.06 -9.05 -23.95
N LEU A 225 2.22 -8.62 -23.00
CA LEU A 225 0.79 -8.86 -23.13
C LEU A 225 0.18 -7.88 -24.12
N SER A 226 -0.78 -8.33 -24.93
CA SER A 226 -1.44 -7.41 -25.86
C SER A 226 -2.91 -7.75 -26.12
N LEU A 227 -3.58 -6.83 -26.81
CA LEU A 227 -4.93 -7.05 -27.31
C LEU A 227 -4.97 -6.40 -28.69
N ASP A 228 -5.21 -7.21 -29.72
CA ASP A 228 -5.33 -6.68 -31.09
C ASP A 228 -4.15 -5.80 -31.50
N ASN A 229 -2.94 -6.32 -31.36
CA ASN A 229 -1.74 -5.58 -31.76
C ASN A 229 -1.50 -4.28 -31.00
N LYS A 230 -2.15 -4.12 -29.85
CA LYS A 230 -1.84 -3.03 -28.95
C LYS A 230 -1.29 -3.66 -27.68
N GLN A 231 -0.13 -3.18 -27.26
CA GLN A 231 0.51 -3.66 -26.02
C GLN A 231 -0.29 -3.25 -24.79
N ALA A 232 -0.15 -4.03 -23.72
CA ALA A 232 -0.88 -3.83 -22.47
C ALA A 232 -0.81 -2.37 -21.99
N TYR A 233 0.35 -1.72 -22.11
CA TYR A 233 0.50 -0.41 -21.47
C TYR A 233 -0.36 0.63 -22.21
N VAL A 234 -0.55 0.43 -23.51
CA VAL A 234 -1.42 1.31 -24.31
C VAL A 234 -2.89 1.07 -23.95
N ILE A 235 -3.26 -0.21 -23.85
CA ILE A 235 -4.63 -0.58 -23.49
C ILE A 235 -4.99 -0.03 -22.12
N MET A 236 -4.09 -0.23 -21.16
CA MET A 236 -4.25 0.29 -19.79
C MET A 236 -4.39 1.81 -19.76
N ALA A 237 -3.50 2.51 -20.45
CA ALA A 237 -3.60 3.97 -20.58
C ALA A 237 -4.98 4.41 -21.12
N GLN A 238 -5.41 3.81 -22.23
CA GLN A 238 -6.70 4.17 -22.82
C GLN A 238 -7.85 3.93 -21.86
N GLU A 239 -7.80 2.79 -21.18
CA GLU A 239 -8.88 2.41 -20.26
C GLU A 239 -8.97 3.38 -19.09
N ALA A 240 -7.81 3.79 -18.57
CA ALA A 240 -7.78 4.81 -17.52
C ALA A 240 -8.45 6.09 -17.99
N LEU A 241 -8.08 6.56 -19.18
CA LEU A 241 -8.68 7.80 -19.68
C LEU A 241 -10.19 7.67 -19.89
N ASN A 242 -10.64 6.49 -20.36
CA ASN A 242 -12.07 6.25 -20.55
C ASN A 242 -12.81 6.44 -19.23
N MET A 243 -12.25 5.90 -18.15
CA MET A 243 -12.84 6.07 -16.83
C MET A 243 -12.80 7.51 -16.38
N SER A 244 -11.70 8.20 -16.68
CA SER A 244 -11.59 9.62 -16.32
C SER A 244 -12.73 10.41 -16.96
N SER A 245 -13.00 10.14 -18.23
N SER A 245 -13.01 10.11 -18.22
CA SER A 245 -14.09 10.78 -18.95
CA SER A 245 -14.09 10.78 -18.97
C SER A 245 -15.42 10.47 -18.27
C SER A 245 -15.46 10.44 -18.40
N TYR A 246 -15.67 9.18 -18.05
CA TYR A 246 -16.93 8.75 -17.45
C TYR A 246 -17.19 9.54 -16.16
N LEU A 247 -16.16 9.61 -15.32
CA LEU A 247 -16.24 10.30 -14.02
C LEU A 247 -16.24 11.83 -14.05
N ASN A 248 -16.05 12.43 -15.23
CA ASN A 248 -16.07 13.88 -15.40
C ASN A 248 -14.98 14.54 -14.58
N LEU A 249 -13.86 13.83 -14.38
CA LEU A 249 -12.80 14.40 -13.55
C LEU A 249 -12.33 15.76 -14.04
N GLU A 250 -12.07 15.90 -15.33
CA GLU A 250 -11.41 17.11 -15.79
C GLU A 250 -12.34 18.34 -15.72
N GLN A 251 -13.64 18.11 -15.79
CA GLN A 251 -14.67 19.13 -15.51
C GLN A 251 -14.69 19.57 -14.05
N ASN A 252 -14.07 18.77 -13.19
CA ASN A 252 -13.96 19.07 -11.78
C ASN A 252 -12.52 19.41 -11.39
N ASN A 253 -11.71 19.72 -12.39
CA ASN A 253 -10.32 20.14 -12.22
C ASN A 253 -9.43 19.08 -11.56
N GLU A 254 -9.72 17.81 -11.85
CA GLU A 254 -8.91 16.68 -11.40
C GLU A 254 -8.53 15.90 -12.65
N PHE A 255 -7.69 14.89 -12.51
CA PHE A 255 -7.32 14.12 -13.70
C PHE A 255 -6.86 12.71 -13.31
N ILE A 256 -6.86 11.82 -14.29
CA ILE A 256 -6.10 10.58 -14.15
C ILE A 256 -4.98 10.70 -15.17
N GLY A 257 -3.75 10.53 -14.69
CA GLY A 257 -2.55 10.60 -15.50
C GLY A 257 -1.85 9.25 -15.44
N PHE A 258 -0.62 9.23 -15.96
CA PHE A 258 0.14 8.01 -16.23
C PHE A 258 1.54 8.03 -15.61
N VAL A 259 1.94 6.94 -14.97
CA VAL A 259 3.36 6.79 -14.60
C VAL A 259 4.11 6.17 -15.76
N VAL A 260 5.08 6.88 -16.31
CA VAL A 260 5.92 6.35 -17.41
C VAL A 260 7.39 6.56 -17.06
N GLY A 261 8.15 5.48 -16.96
CA GLY A 261 9.52 5.58 -16.52
C GLY A 261 10.42 6.45 -17.38
N ALA A 262 11.38 7.08 -16.72
CA ALA A 262 12.24 8.04 -17.42
C ALA A 262 13.17 7.32 -18.40
N ASN A 263 13.35 6.02 -18.20
CA ASN A 263 14.17 5.16 -19.07
C ASN A 263 13.40 4.53 -20.25
N SER A 264 12.12 4.86 -20.39
CA SER A 264 11.26 4.17 -21.35
C SER A 264 10.95 5.12 -22.48
N TYR A 265 11.99 5.47 -23.23
CA TYR A 265 11.90 6.56 -24.21
C TYR A 265 10.84 6.30 -25.29
N ASP A 266 10.81 5.08 -25.80
CA ASP A 266 9.89 4.76 -26.89
C ASP A 266 8.43 4.80 -26.41
N GLU A 267 8.20 4.29 -25.20
CA GLU A 267 6.89 4.28 -24.57
C GLU A 267 6.42 5.70 -24.25
N MET A 268 7.31 6.52 -23.71
CA MET A 268 6.99 7.93 -23.45
C MET A 268 6.57 8.62 -24.74
N ASN A 269 7.36 8.46 -25.79
CA ASN A 269 6.97 9.03 -27.10
C ASN A 269 5.60 8.58 -27.60
N TYR A 270 5.32 7.28 -27.55
CA TYR A 270 4.01 6.75 -27.96
C TYR A 270 2.89 7.38 -27.14
N ILE A 271 3.09 7.44 -25.83
CA ILE A 271 2.05 7.97 -24.94
C ILE A 271 1.74 9.44 -25.22
N ARG A 272 2.78 10.25 -25.44
CA ARG A 272 2.58 11.68 -25.65
C ARG A 272 1.99 11.92 -27.03
N THR A 273 2.38 11.05 -27.96
CA THR A 273 1.90 11.10 -29.34
C THR A 273 0.40 10.81 -29.41
N TYR A 274 0.00 9.71 -28.74
N TYR A 274 -0.02 9.72 -28.76
CA TYR A 274 -1.35 9.17 -28.85
CA TYR A 274 -1.41 9.30 -28.94
C TYR A 274 -2.36 9.81 -27.90
C TYR A 274 -2.40 9.76 -27.86
N PHE A 275 -1.86 10.33 -26.78
CA PHE A 275 -2.68 11.03 -25.78
C PHE A 275 -2.03 12.39 -25.57
N PRO A 276 -2.21 13.29 -26.54
CA PRO A 276 -1.35 14.48 -26.51
C PRO A 276 -1.42 15.34 -25.25
N ASN A 277 -2.56 15.33 -24.56
CA ASN A 277 -2.71 16.25 -23.44
C ASN A 277 -2.72 15.58 -22.08
N CYS A 278 -2.22 14.33 -22.03
CA CYS A 278 -2.19 13.57 -20.78
C CYS A 278 -1.16 14.10 -19.79
N TYR A 279 -1.40 13.82 -18.51
CA TYR A 279 -0.50 14.15 -17.41
C TYR A 279 0.42 12.95 -17.17
N ILE A 280 1.72 13.16 -17.28
CA ILE A 280 2.69 12.08 -17.08
C ILE A 280 3.55 12.35 -15.83
N LEU A 281 3.77 11.30 -15.04
CA LEU A 281 4.66 11.37 -13.91
C LEU A 281 5.83 10.42 -14.23
N SER A 282 7.07 10.92 -14.22
CA SER A 282 8.19 10.12 -14.72
C SER A 282 9.34 9.95 -13.72
N PRO A 283 9.37 8.81 -13.00
CA PRO A 283 10.51 8.55 -12.10
C PRO A 283 11.67 7.84 -12.81
N GLY A 284 12.85 7.81 -12.19
CA GLY A 284 13.95 7.05 -12.80
C GLY A 284 15.16 7.89 -13.18
N ILE A 285 15.06 9.21 -13.01
CA ILE A 285 16.20 10.13 -13.12
C ILE A 285 17.01 10.17 -11.83
N GLY A 286 18.32 9.95 -11.94
CA GLY A 286 19.22 10.20 -10.83
C GLY A 286 19.78 8.87 -10.39
N ALA A 287 19.26 8.35 -9.27
CA ALA A 287 19.74 7.09 -8.72
C ALA A 287 19.62 5.96 -9.73
N GLN A 288 18.57 6.00 -10.55
CA GLN A 288 18.29 4.95 -11.53
C GLN A 288 18.82 5.23 -12.94
N ASN A 289 19.45 6.41 -13.07
N ASN A 289 19.52 6.36 -13.09
CA ASN A 289 20.32 6.75 -14.20
CA ASN A 289 20.32 6.65 -14.28
C ASN A 289 19.66 7.08 -15.54
C ASN A 289 19.53 6.63 -15.60
N GLY A 290 18.32 7.19 -15.56
CA GLY A 290 17.59 7.48 -16.79
C GLY A 290 18.13 8.73 -17.48
N ASP A 291 17.88 8.89 -18.77
CA ASP A 291 18.41 10.03 -19.55
C ASP A 291 17.40 11.19 -19.53
N LEU A 292 17.77 12.27 -18.84
CA LEU A 292 16.89 13.41 -18.59
C LEU A 292 16.54 14.17 -19.87
N HIS A 293 17.54 14.48 -20.69
CA HIS A 293 17.28 15.15 -21.98
C HIS A 293 16.34 14.33 -22.87
N LYS A 294 16.58 13.03 -22.97
CA LYS A 294 15.72 12.13 -23.75
C LYS A 294 14.31 12.00 -23.21
N THR A 295 14.17 11.96 -21.89
CA THR A 295 12.86 11.75 -21.27
C THR A 295 11.98 12.99 -21.42
N LEU A 296 12.56 14.12 -21.07
CA LEU A 296 11.83 15.37 -21.05
C LEU A 296 11.45 15.77 -22.46
N THR A 297 12.32 15.47 -23.42
CA THR A 297 12.04 15.74 -24.82
C THR A 297 10.90 14.85 -25.35
N ASN A 298 11.00 13.54 -25.11
CA ASN A 298 9.92 12.62 -25.50
C ASN A 298 8.59 12.88 -24.78
N GLY A 299 8.65 13.39 -23.56
CA GLY A 299 7.42 13.56 -22.79
C GLY A 299 6.92 14.99 -22.81
N TYR A 300 7.66 15.88 -23.48
CA TYR A 300 7.41 17.31 -23.38
C TYR A 300 5.97 17.71 -23.68
N HIS A 301 5.48 18.66 -22.89
CA HIS A 301 4.26 19.39 -23.19
C HIS A 301 4.51 20.84 -22.81
N LYS A 302 3.96 21.75 -23.61
CA LYS A 302 4.10 23.17 -23.33
C LYS A 302 3.54 23.56 -21.97
N SER A 303 2.58 22.80 -21.46
CA SER A 303 2.14 22.93 -20.07
C SER A 303 2.98 21.95 -19.30
N TYR A 304 4.03 22.48 -18.66
N TYR A 304 4.13 22.34 -18.76
CA TYR A 304 5.14 21.70 -18.10
CA TYR A 304 5.02 21.25 -18.38
C TYR A 304 4.69 20.66 -17.09
C TYR A 304 4.73 20.61 -17.02
N GLU A 305 3.63 21.01 -16.37
CA GLU A 305 3.15 20.22 -15.24
C GLU A 305 2.64 18.86 -15.73
N LYS A 306 2.46 18.71 -17.04
CA LYS A 306 2.04 17.44 -17.62
C LYS A 306 3.18 16.44 -17.84
N ILE A 307 4.39 16.87 -17.50
CA ILE A 307 5.58 15.98 -17.54
C ILE A 307 6.43 16.17 -16.28
N LEU A 308 5.94 15.60 -15.17
CA LEU A 308 6.64 15.71 -13.90
C LEU A 308 7.88 14.83 -13.94
N ILE A 309 9.05 15.35 -13.59
CA ILE A 309 10.27 14.55 -13.54
C ILE A 309 10.66 14.35 -12.09
N ASN A 310 10.48 13.12 -11.62
CA ASN A 310 10.78 12.83 -10.22
C ASN A 310 12.28 12.59 -9.96
N ILE A 311 12.81 13.28 -8.95
CA ILE A 311 14.18 13.05 -8.49
C ILE A 311 14.18 12.86 -6.96
N GLY A 312 14.63 11.70 -6.50
CA GLY A 312 14.62 11.37 -5.06
C GLY A 312 16.00 11.34 -4.43
N ARG A 313 16.63 10.17 -4.39
CA ARG A 313 17.91 9.97 -3.73
C ARG A 313 19.01 10.91 -4.22
N ALA A 314 19.01 11.24 -5.50
CA ALA A 314 19.99 12.20 -5.98
C ALA A 314 19.97 13.55 -5.25
N ILE A 315 18.80 13.92 -4.70
CA ILE A 315 18.66 15.12 -3.87
C ILE A 315 18.79 14.75 -2.38
N THR A 316 18.02 13.76 -1.92
CA THR A 316 17.90 13.50 -0.47
C THR A 316 19.13 12.83 0.18
N LYS A 317 19.91 12.10 -0.62
CA LYS A 317 21.19 11.56 -0.16
C LYS A 317 22.40 12.49 -0.39
N ASN A 318 22.14 13.66 -0.96
CA ASN A 318 23.23 14.63 -1.09
C ASN A 318 23.38 15.41 0.22
N PRO A 319 24.63 15.58 0.69
CA PRO A 319 24.97 16.41 1.85
C PRO A 319 24.44 17.84 1.81
N TYR A 320 24.15 18.37 0.61
CA TYR A 320 23.65 19.74 0.42
C TYR A 320 22.41 19.69 -0.50
N PRO A 321 21.29 19.20 0.05
CA PRO A 321 20.11 18.99 -0.80
C PRO A 321 19.58 20.27 -1.43
N GLN A 322 19.74 21.43 -0.78
CA GLN A 322 19.29 22.67 -1.44
C GLN A 322 20.04 22.86 -2.76
N LYS A 323 21.35 22.65 -2.73
CA LYS A 323 22.13 22.84 -3.95
C LYS A 323 21.87 21.74 -4.98
N ALA A 324 21.81 20.48 -4.53
CA ALA A 324 21.44 19.39 -5.43
C ALA A 324 20.12 19.69 -6.14
N ALA A 325 19.09 20.08 -5.39
CA ALA A 325 17.81 20.46 -5.96
C ALA A 325 17.94 21.62 -6.95
N GLN A 326 18.69 22.66 -6.58
CA GLN A 326 18.85 23.80 -7.50
C GLN A 326 19.48 23.37 -8.82
N MET A 327 20.40 22.41 -8.75
N MET A 327 20.42 22.43 -8.75
CA MET A 327 21.14 21.95 -9.93
CA MET A 327 21.13 21.93 -9.93
C MET A 327 20.27 21.13 -10.88
C MET A 327 20.18 21.22 -10.88
N TYR A 328 19.40 20.28 -10.34
CA TYR A 328 18.38 19.61 -11.15
C TYR A 328 17.30 20.55 -11.69
N TYR A 329 16.86 21.50 -10.86
CA TYR A 329 15.94 22.53 -11.33
C TYR A 329 16.52 23.23 -12.55
N ASP A 330 17.75 23.71 -12.41
CA ASP A 330 18.41 24.42 -13.51
C ASP A 330 18.61 23.55 -14.74
N GLN A 331 19.03 22.30 -14.56
CA GLN A 331 19.24 21.40 -15.71
C GLN A 331 17.91 21.14 -16.45
N ILE A 332 16.87 20.80 -15.68
CA ILE A 332 15.52 20.64 -16.23
C ILE A 332 15.07 21.87 -16.99
N ASN A 333 15.25 23.03 -16.37
CA ASN A 333 14.72 24.26 -16.95
C ASN A 333 15.44 24.60 -18.25
N ALA A 334 16.72 24.25 -18.31
CA ALA A 334 17.51 24.40 -19.53
C ALA A 334 16.95 23.53 -20.66
N ILE A 335 16.58 22.29 -20.33
CA ILE A 335 15.99 21.39 -21.34
C ILE A 335 14.58 21.87 -21.73
N LEU A 336 13.80 22.32 -20.76
CA LEU A 336 12.51 22.95 -21.07
C LEU A 336 12.70 24.10 -22.06
N LYS A 337 13.67 24.96 -21.80
CA LYS A 337 13.97 26.08 -22.69
C LYS A 337 14.25 25.64 -24.13
N GLN A 338 15.03 24.57 -24.29
CA GLN A 338 15.39 24.07 -25.60
C GLN A 338 14.18 23.53 -26.36
N ASN A 339 13.29 22.89 -25.61
CA ASN A 339 12.07 22.33 -26.17
C ASN A 339 11.09 23.44 -26.50
N MET A 340 11.09 24.48 -25.67
CA MET A 340 10.26 25.66 -25.91
C MET A 340 10.79 26.48 -27.10
N GLU A 341 12.10 26.51 -27.28
CA GLU A 341 12.69 27.22 -28.41
C GLU A 341 12.91 26.25 -29.56
N SER A 342 12.03 25.26 -29.60
CA SER A 342 11.47 24.63 -30.80
C SER A 342 10.65 23.36 -30.60
N MET B 20 9.80 -24.46 10.83
CA MET B 20 10.43 -24.15 9.52
C MET B 20 9.53 -23.29 8.63
N GLY B 21 9.39 -23.66 7.37
CA GLY B 21 8.69 -22.78 6.42
C GLY B 21 7.18 -22.72 6.54
N PHE B 22 6.59 -21.76 5.83
CA PHE B 22 5.13 -21.66 5.74
C PHE B 22 4.52 -22.94 5.16
N LYS B 23 5.21 -23.65 4.27
CA LYS B 23 4.66 -24.90 3.70
C LYS B 23 4.42 -25.86 4.86
N VAL B 24 5.34 -25.86 5.81
CA VAL B 24 5.31 -26.83 6.92
C VAL B 24 4.29 -26.41 7.98
N LYS B 25 4.29 -25.12 8.31
CA LYS B 25 3.30 -24.54 9.20
C LYS B 25 1.86 -24.81 8.74
N LEU B 26 1.60 -24.62 7.45
CA LEU B 26 0.24 -24.86 6.93
C LEU B 26 -0.13 -26.33 7.01
N GLU B 27 0.81 -27.18 6.63
CA GLU B 27 0.57 -28.63 6.68
C GLU B 27 0.30 -29.07 8.11
N LYS B 28 1.13 -28.63 9.05
CA LYS B 28 0.97 -29.05 10.44
C LYS B 28 -0.34 -28.56 11.05
N ARG B 29 -0.70 -27.31 10.73
CA ARG B 29 -1.98 -26.83 11.22
C ARG B 29 -3.17 -27.54 10.59
N ARG B 30 -3.08 -27.86 9.30
CA ARG B 30 -4.13 -28.62 8.65
C ARG B 30 -4.29 -29.96 9.36
N ASN B 31 -3.18 -30.57 9.77
CA ASN B 31 -3.25 -31.84 10.50
C ASN B 31 -3.96 -31.71 11.84
N ALA B 32 -3.86 -30.55 12.48
CA ALA B 32 -4.44 -30.35 13.80
C ALA B 32 -5.92 -29.98 13.75
N ILE B 33 -6.35 -29.31 12.68
CA ILE B 33 -7.72 -28.80 12.70
C ILE B 33 -8.60 -29.23 11.52
N ASN B 34 -7.98 -29.83 10.52
CA ASN B 34 -8.67 -30.45 9.39
C ASN B 34 -9.65 -29.52 8.66
N THR B 35 -9.14 -28.36 8.24
CA THR B 35 -9.99 -27.48 7.43
C THR B 35 -9.09 -26.65 6.51
N CYS B 36 -9.70 -25.92 5.58
CA CYS B 36 -8.96 -24.91 4.82
C CYS B 36 -9.62 -23.54 4.91
N LEU B 37 -10.46 -23.32 5.93
CA LEU B 37 -11.02 -22.00 6.20
C LEU B 37 -9.90 -20.99 6.51
N CYS B 38 -9.96 -19.88 5.80
CA CYS B 38 -9.11 -18.71 6.05
C CYS B 38 -10.06 -17.62 6.54
N ILE B 39 -9.90 -17.16 7.77
CA ILE B 39 -10.79 -16.13 8.29
C ILE B 39 -10.19 -14.75 8.00
N GLY B 40 -10.93 -13.91 7.28
CA GLY B 40 -10.51 -12.55 6.93
C GLY B 40 -10.87 -11.62 8.08
N LEU B 41 -9.91 -10.84 8.54
CA LEU B 41 -10.11 -9.87 9.63
C LEU B 41 -9.89 -8.46 9.09
N ASP B 42 -11.01 -7.88 8.64
CA ASP B 42 -11.06 -6.60 7.92
C ASP B 42 -12.07 -5.72 8.64
N PRO B 43 -11.74 -5.23 9.84
CA PRO B 43 -12.76 -4.46 10.57
C PRO B 43 -12.92 -3.08 9.98
N ASP B 44 -14.17 -2.68 9.69
CA ASP B 44 -14.41 -1.30 9.26
C ASP B 44 -14.94 -0.43 10.40
N GLU B 45 -15.06 0.87 10.15
CA GLU B 45 -15.39 1.83 11.22
C GLU B 45 -16.70 1.45 11.87
N LYS B 46 -17.67 1.09 11.05
CA LYS B 46 -18.98 0.69 11.55
C LYS B 46 -18.89 -0.53 12.49
N ASP B 47 -18.03 -1.50 12.18
CA ASP B 47 -17.85 -2.68 13.05
C ASP B 47 -17.27 -2.34 14.42
N ILE B 48 -16.34 -1.39 14.43
CA ILE B 48 -15.68 -1.02 15.67
C ILE B 48 -16.70 -0.26 16.53
N GLU B 49 -17.41 0.67 15.90
CA GLU B 49 -18.44 1.44 16.60
C GLU B 49 -19.56 0.54 17.11
N ASN B 50 -20.00 -0.42 16.30
CA ASN B 50 -20.95 -1.45 16.74
C ASN B 50 -20.47 -2.26 17.93
N PHE B 51 -19.20 -2.62 17.93
CA PHE B 51 -18.61 -3.34 19.04
C PHE B 51 -18.67 -2.46 20.30
N MET B 52 -18.26 -1.20 20.17
CA MET B 52 -18.37 -0.22 21.25
C MET B 52 -19.78 -0.23 21.84
N LYS B 53 -20.78 -0.17 20.96
CA LYS B 53 -22.19 -0.12 21.37
C LYS B 53 -22.72 -1.40 22.01
N ASN B 54 -22.52 -2.55 21.36
CA ASN B 54 -22.94 -3.82 21.92
C ASN B 54 -22.35 -4.05 23.31
N GLU B 55 -21.05 -3.78 23.44
CA GLU B 55 -20.34 -4.03 24.69
C GLU B 55 -20.88 -3.20 25.85
N LYS B 56 -21.42 -2.03 25.54
CA LYS B 56 -22.12 -1.25 26.57
C LYS B 56 -23.36 -2.01 27.02
N GLU B 57 -24.26 -2.29 26.07
CA GLU B 57 -25.46 -3.11 26.29
C GLU B 57 -25.26 -4.44 27.00
N ASN B 58 -24.01 -4.93 27.05
CA ASN B 58 -23.72 -6.27 27.53
C ASN B 58 -22.78 -6.34 28.74
N ASN B 59 -22.55 -5.19 29.36
CA ASN B 59 -21.62 -5.08 30.49
C ASN B 59 -20.19 -5.47 30.13
N TYR B 60 -19.81 -5.16 28.88
CA TYR B 60 -18.47 -5.43 28.37
C TYR B 60 -18.07 -6.90 28.50
N ASN B 61 -19.05 -7.77 28.26
CA ASN B 61 -18.87 -9.21 28.39
C ASN B 61 -17.72 -9.75 27.55
N ASN B 62 -17.71 -9.37 26.27
CA ASN B 62 -16.68 -9.87 25.35
C ASN B 62 -15.29 -9.37 25.71
N ILE B 63 -15.19 -8.09 26.08
CA ILE B 63 -13.92 -7.54 26.56
C ILE B 63 -13.47 -8.23 27.86
N LYS B 64 -14.41 -8.45 28.77
CA LYS B 64 -14.10 -9.23 29.98
C LYS B 64 -13.52 -10.61 29.68
N LYS B 65 -14.13 -11.32 28.72
CA LYS B 65 -13.55 -12.56 28.18
C LYS B 65 -12.15 -12.39 27.60
N ASN B 66 -11.96 -11.35 26.78
CA ASN B 66 -10.65 -11.10 26.18
C ASN B 66 -9.56 -11.01 27.24
N LEU B 67 -9.87 -10.35 28.35
CA LEU B 67 -8.90 -10.09 29.41
C LEU B 67 -8.47 -11.35 30.19
N LYS B 68 -9.29 -12.39 30.16
CA LYS B 68 -8.94 -13.66 30.79
C LYS B 68 -7.98 -14.49 29.95
N GLU B 69 -7.91 -14.21 28.65
CA GLU B 69 -7.05 -14.99 27.78
C GLU B 69 -5.60 -14.66 28.11
N LYS B 70 -4.74 -15.66 28.03
CA LYS B 70 -3.36 -15.52 28.50
C LYS B 70 -2.46 -14.69 27.58
N TYR B 71 -2.64 -14.82 26.26
CA TYR B 71 -1.74 -14.18 25.31
C TYR B 71 -1.93 -12.68 25.12
N ILE B 72 -3.01 -12.13 25.67
CA ILE B 72 -3.18 -10.68 25.67
C ILE B 72 -1.98 -10.00 26.33
N ASN B 73 -1.30 -10.76 27.19
CA ASN B 73 -0.15 -10.29 27.95
C ASN B 73 1.16 -10.26 27.17
N ASN B 74 1.11 -10.71 25.92
CA ASN B 74 2.29 -10.78 25.07
C ASN B 74 2.28 -9.87 23.84
N VAL B 75 1.29 -8.99 23.74
CA VAL B 75 1.24 -8.04 22.62
C VAL B 75 2.19 -6.88 22.89
N SER B 76 2.69 -6.26 21.84
CA SER B 76 3.79 -5.30 21.93
C SER B 76 3.41 -3.90 22.37
N ILE B 77 2.23 -3.45 21.98
CA ILE B 77 1.93 -2.03 21.91
C ILE B 77 0.84 -1.69 22.90
N LYS B 78 1.21 -0.88 23.89
CA LYS B 78 0.23 -0.31 24.82
C LYS B 78 -0.59 -1.38 25.57
N LYS B 79 0.10 -2.46 25.91
CA LYS B 79 -0.49 -3.54 26.70
C LYS B 79 -1.21 -3.05 27.96
N ASP B 80 -0.58 -2.10 28.65
N ASP B 80 -0.64 -2.08 28.68
CA ASP B 80 -1.15 -1.53 29.87
CA ASP B 80 -1.26 -1.63 29.92
C ASP B 80 -2.56 -1.00 29.62
C ASP B 80 -2.58 -0.89 29.68
N ILE B 81 -2.70 -0.25 28.53
CA ILE B 81 -3.98 0.27 28.11
C ILE B 81 -4.96 -0.87 27.85
N LEU B 82 -4.55 -1.86 27.05
CA LEU B 82 -5.44 -2.98 26.71
C LEU B 82 -5.99 -3.77 27.88
N LEU B 83 -5.22 -3.82 28.97
CA LEU B 83 -5.60 -4.61 30.15
C LEU B 83 -6.51 -3.86 31.12
N LYS B 84 -6.73 -2.57 30.89
CA LYS B 84 -7.61 -1.77 31.73
C LYS B 84 -9.07 -2.13 31.57
N ALA B 85 -9.86 -1.92 32.63
CA ALA B 85 -11.30 -2.10 32.57
C ALA B 85 -11.89 -1.05 31.64
N PRO B 86 -12.87 -1.44 30.81
CA PRO B 86 -13.47 -0.48 29.88
C PRO B 86 -13.94 0.80 30.56
N ASP B 87 -14.68 0.67 31.67
N ASP B 87 -14.68 0.71 31.67
CA ASP B 87 -15.19 1.80 32.44
CA ASP B 87 -15.19 1.91 32.34
C ASP B 87 -14.10 2.81 32.80
C ASP B 87 -14.09 2.85 32.82
N ASN B 88 -12.90 2.30 33.05
CA ASN B 88 -11.74 3.12 33.35
C ASN B 88 -11.14 3.77 32.10
N ILE B 89 -11.00 3.02 31.01
CA ILE B 89 -10.58 3.61 29.74
C ILE B 89 -11.47 4.79 29.33
N ILE B 90 -12.78 4.59 29.39
CA ILE B 90 -13.71 5.62 28.91
C ILE B 90 -13.59 6.92 29.72
N ARG B 91 -13.34 6.82 31.02
CA ARG B 91 -13.23 8.01 31.86
C ARG B 91 -11.84 8.61 31.94
N GLU B 92 -10.82 7.76 32.04
CA GLU B 92 -9.46 8.20 32.36
C GLU B 92 -8.48 8.09 31.19
N GLU B 93 -8.85 7.38 30.13
CA GLU B 93 -7.96 7.22 28.98
C GLU B 93 -8.73 7.43 27.69
N LYS B 94 -9.54 8.48 27.67
N LYS B 94 -9.57 8.46 27.65
CA LYS B 94 -10.46 8.73 26.56
CA LYS B 94 -10.50 8.60 26.54
C LYS B 94 -9.79 8.74 25.19
C LYS B 94 -9.81 8.76 25.17
N SER B 95 -8.60 9.32 25.12
CA SER B 95 -7.90 9.44 23.84
C SER B 95 -7.52 8.06 23.31
N GLU B 96 -7.55 7.06 24.17
CA GLU B 96 -7.16 5.69 23.81
C GLU B 96 -8.36 4.77 23.56
N GLU B 97 -9.57 5.32 23.63
CA GLU B 97 -10.80 4.55 23.50
C GLU B 97 -10.93 3.90 22.13
N PHE B 98 -10.64 4.65 21.06
CA PHE B 98 -10.70 4.04 19.74
C PHE B 98 -9.69 2.90 19.60
N PHE B 99 -8.42 3.15 19.93
CA PHE B 99 -7.41 2.09 20.00
C PHE B 99 -7.91 0.85 20.79
N TYR B 100 -8.34 1.09 22.01
CA TYR B 100 -8.79 0.01 22.90
C TYR B 100 -9.90 -0.86 22.31
N PHE B 101 -10.98 -0.24 21.83
CA PHE B 101 -12.11 -0.99 21.26
C PHE B 101 -11.84 -1.62 19.90
N PHE B 102 -11.04 -0.95 19.08
CA PHE B 102 -10.55 -1.57 17.82
C PHE B 102 -9.73 -2.82 18.16
N ASN B 103 -8.72 -2.70 19.01
CA ASN B 103 -7.90 -3.86 19.34
C ASN B 103 -8.72 -5.00 19.96
N HIS B 104 -9.64 -4.61 20.85
CA HIS B 104 -10.47 -5.59 21.52
C HIS B 104 -11.49 -6.23 20.58
N PHE B 105 -11.95 -5.50 19.56
CA PHE B 105 -12.75 -6.13 18.52
C PHE B 105 -11.97 -7.24 17.84
N CYS B 106 -10.73 -6.96 17.43
CA CYS B 106 -9.93 -7.97 16.74
C CYS B 106 -9.65 -9.16 17.64
N PHE B 107 -9.30 -8.89 18.90
CA PHE B 107 -9.05 -9.99 19.85
C PHE B 107 -10.30 -10.85 20.04
N TYR B 108 -11.48 -10.25 20.06
CA TYR B 108 -12.75 -10.97 20.21
C TYR B 108 -12.96 -11.90 19.02
N ILE B 109 -12.83 -11.38 17.81
CA ILE B 109 -13.01 -12.20 16.62
C ILE B 109 -12.03 -13.39 16.64
N ILE B 110 -10.75 -13.14 16.92
CA ILE B 110 -9.73 -14.18 16.96
C ILE B 110 -10.07 -15.23 18.03
N ASN B 111 -10.32 -14.77 19.26
CA ASN B 111 -10.65 -15.67 20.36
C ASN B 111 -11.88 -16.51 20.06
N GLU B 112 -12.90 -15.92 19.44
CA GLU B 112 -14.12 -16.66 19.08
C GLU B 112 -13.97 -17.65 17.92
N THR B 113 -13.03 -17.44 17.01
CA THR B 113 -13.06 -18.18 15.74
C THR B 113 -11.79 -18.98 15.42
N ASN B 114 -10.71 -18.74 16.15
CA ASN B 114 -9.42 -19.34 15.80
C ASN B 114 -9.45 -20.87 15.74
N LYS B 115 -10.31 -21.48 16.54
CA LYS B 115 -10.43 -22.96 16.56
C LYS B 115 -10.92 -23.54 15.25
N TYR B 116 -11.53 -22.71 14.40
CA TYR B 116 -11.98 -23.17 13.08
C TYR B 116 -11.11 -22.69 11.92
N ALA B 117 -10.01 -22.00 12.22
CA ALA B 117 -9.28 -21.28 11.16
C ALA B 117 -7.95 -21.98 10.83
N LEU B 118 -7.71 -22.30 9.56
CA LEU B 118 -6.39 -22.74 9.14
C LEU B 118 -5.43 -21.53 9.11
N THR B 119 -5.97 -20.36 8.81
N THR B 119 -5.97 -20.39 8.69
CA THR B 119 -5.14 -19.15 8.68
CA THR B 119 -5.18 -19.15 8.58
C THR B 119 -6.02 -17.92 8.78
C THR B 119 -6.05 -17.96 8.96
N PHE B 120 -5.42 -16.80 9.17
CA PHE B 120 -6.12 -15.52 9.22
C PHE B 120 -5.46 -14.60 8.21
N LYS B 121 -6.27 -13.84 7.48
CA LYS B 121 -5.80 -12.87 6.49
C LYS B 121 -6.30 -11.50 6.92
N MET B 122 -5.36 -10.58 7.14
CA MET B 122 -5.73 -9.22 7.54
C MET B 122 -5.44 -8.30 6.36
N ASN B 123 -6.45 -7.55 5.93
CA ASN B 123 -6.23 -6.65 4.80
C ASN B 123 -5.78 -5.31 5.34
N PHE B 124 -4.56 -4.96 4.93
CA PHE B 124 -3.91 -3.75 5.41
C PHE B 124 -4.80 -2.51 5.29
N ALA B 125 -5.58 -2.40 4.22
CA ALA B 125 -6.42 -1.21 3.94
C ALA B 125 -7.32 -0.82 5.12
N PHE B 126 -7.70 -1.80 5.93
CA PHE B 126 -8.60 -1.55 7.06
C PHE B 126 -7.90 -1.00 8.28
N TYR B 127 -6.58 -1.07 8.30
CA TYR B 127 -5.78 -0.74 9.47
C TYR B 127 -5.09 0.61 9.28
N ILE B 128 -5.13 1.16 8.07
CA ILE B 128 -4.43 2.43 7.79
C ILE B 128 -5.27 3.73 7.83
N PRO B 129 -6.62 3.68 7.70
CA PRO B 129 -7.24 4.97 7.37
C PRO B 129 -7.37 5.98 8.52
N TYR B 130 -7.06 5.54 9.73
CA TYR B 130 -7.08 6.43 10.89
C TYR B 130 -5.69 6.94 11.23
N GLY B 131 -4.71 6.67 10.36
CA GLY B 131 -3.31 6.92 10.66
C GLY B 131 -2.62 5.87 11.50
N SER B 132 -1.74 6.29 12.40
CA SER B 132 -0.86 5.38 13.13
C SER B 132 -1.63 4.43 14.02
N VAL B 133 -2.75 4.88 14.58
CA VAL B 133 -3.46 4.07 15.59
C VAL B 133 -3.80 2.66 15.08
N GLY B 134 -4.31 2.55 13.85
CA GLY B 134 -4.64 1.23 13.30
C GLY B 134 -3.44 0.33 13.02
N ILE B 135 -2.27 0.93 12.81
CA ILE B 135 -1.05 0.14 12.61
C ILE B 135 -0.57 -0.44 13.95
N ASP B 136 -0.79 0.27 15.03
CA ASP B 136 -0.51 -0.31 16.35
C ASP B 136 -1.42 -1.51 16.59
N VAL B 137 -2.70 -1.34 16.29
CA VAL B 137 -3.65 -2.46 16.39
C VAL B 137 -3.19 -3.65 15.53
N LEU B 138 -2.80 -3.35 14.28
CA LEU B 138 -2.40 -4.41 13.37
C LEU B 138 -1.18 -5.15 13.92
N LYS B 139 -0.21 -4.44 14.46
CA LYS B 139 0.95 -5.07 15.10
C LYS B 139 0.52 -5.99 16.25
N ASN B 140 -0.38 -5.50 17.09
CA ASN B 140 -0.85 -6.32 18.21
C ASN B 140 -1.60 -7.57 17.72
N VAL B 141 -2.35 -7.41 16.63
CA VAL B 141 -3.07 -8.55 16.02
C VAL B 141 -2.10 -9.64 15.53
N PHE B 142 -1.05 -9.22 14.82
CA PHE B 142 -0.01 -10.16 14.40
C PHE B 142 0.78 -10.75 15.58
N ASP B 143 1.03 -9.97 16.63
CA ASP B 143 1.70 -10.53 17.81
C ASP B 143 0.84 -11.63 18.43
N TYR B 144 -0.46 -11.36 18.54
CA TYR B 144 -1.42 -12.27 19.16
C TYR B 144 -1.51 -13.59 18.37
N LEU B 145 -1.57 -13.47 17.05
CA LEU B 145 -1.63 -14.67 16.20
C LEU B 145 -0.30 -15.44 16.20
N TYR B 146 0.82 -14.74 16.30
CA TYR B 146 2.13 -15.38 16.35
C TYR B 146 2.19 -16.22 17.62
N GLU B 147 1.76 -15.64 18.73
CA GLU B 147 1.81 -16.28 20.04
C GLU B 147 0.96 -17.54 20.03
N LEU B 148 -0.19 -17.49 19.34
CA LEU B 148 -1.06 -18.66 19.15
C LEU B 148 -0.60 -19.61 18.05
N ASN B 149 0.48 -19.25 17.36
CA ASN B 149 1.06 -20.02 16.26
C ASN B 149 0.06 -20.33 15.15
N ILE B 150 -0.80 -19.37 14.86
CA ILE B 150 -1.78 -19.50 13.78
C ILE B 150 -1.15 -18.85 12.55
N PRO B 151 -1.12 -19.56 11.41
CA PRO B 151 -0.55 -19.03 10.14
C PRO B 151 -1.23 -17.74 9.72
N THR B 152 -0.46 -16.78 9.19
CA THR B 152 -1.01 -15.45 8.90
C THR B 152 -0.70 -15.06 7.47
N ILE B 153 -1.56 -14.18 6.92
CA ILE B 153 -1.36 -13.57 5.61
C ILE B 153 -1.65 -12.08 5.78
N LEU B 154 -0.73 -11.22 5.38
CA LEU B 154 -1.04 -9.79 5.25
C LEU B 154 -1.48 -9.52 3.81
N ASP B 155 -2.72 -9.10 3.62
CA ASP B 155 -3.22 -8.80 2.27
C ASP B 155 -3.02 -7.31 2.04
N MET B 156 -1.95 -6.97 1.33
CA MET B 156 -1.59 -5.58 1.06
C MET B 156 -1.36 -5.34 -0.45
N LYS B 157 -1.29 -6.41 -1.25
CA LYS B 157 -1.20 -6.30 -2.71
C LYS B 157 -0.03 -5.39 -3.10
N ILE B 158 1.09 -5.63 -2.43
CA ILE B 158 2.26 -4.75 -2.58
C ILE B 158 2.86 -4.84 -3.98
N ASN B 159 3.39 -3.70 -4.42
CA ASN B 159 4.12 -3.65 -5.65
C ASN B 159 5.02 -2.42 -5.70
N ASP B 160 6.27 -2.61 -6.12
CA ASP B 160 7.15 -1.46 -6.42
C ASP B 160 8.44 -1.95 -7.06
N ILE B 161 9.40 -1.03 -7.26
CA ILE B 161 10.72 -1.42 -7.71
C ILE B 161 11.43 -2.10 -6.56
N GLY B 162 12.51 -2.83 -6.86
CA GLY B 162 13.24 -3.63 -5.87
C GLY B 162 13.71 -2.88 -4.65
N ASN B 163 14.38 -1.72 -4.82
CA ASN B 163 14.89 -0.95 -3.67
C ASN B 163 13.78 -0.54 -2.70
N THR B 164 12.67 -0.09 -3.28
CA THR B 164 11.49 0.29 -2.52
C THR B 164 10.79 -0.87 -1.83
N VAL B 165 10.57 -1.97 -2.55
N VAL B 165 10.61 -1.97 -2.54
CA VAL B 165 9.76 -3.08 -2.00
CA VAL B 165 9.77 -3.06 -2.03
C VAL B 165 10.40 -3.76 -0.80
C VAL B 165 10.41 -3.79 -0.84
N LYS B 166 11.73 -3.66 -0.69
CA LYS B 166 12.44 -4.21 0.46
C LYS B 166 11.92 -3.64 1.77
N ASN B 167 11.38 -2.41 1.74
CA ASN B 167 10.78 -1.85 2.94
C ASN B 167 9.50 -2.58 3.33
N TYR B 168 8.71 -3.01 2.34
CA TYR B 168 7.56 -3.86 2.63
C TYR B 168 7.99 -5.23 3.15
N ARG B 169 9.07 -5.81 2.62
CA ARG B 169 9.59 -7.06 3.16
C ARG B 169 9.88 -6.91 4.65
N LYS B 170 10.55 -5.82 5.01
CA LYS B 170 10.83 -5.53 6.42
C LYS B 170 9.55 -5.37 7.26
N PHE B 171 8.61 -4.57 6.81
CA PHE B 171 7.38 -4.33 7.54
C PHE B 171 6.63 -5.65 7.78
N ILE B 172 6.49 -6.42 6.72
CA ILE B 172 5.59 -7.57 6.73
C ILE B 172 6.23 -8.75 7.42
N PHE B 173 7.50 -9.01 7.07
CA PHE B 173 8.20 -10.25 7.48
C PHE B 173 9.08 -10.12 8.71
N GLU B 174 9.55 -8.91 9.00
CA GLU B 174 10.39 -8.68 10.18
C GLU B 174 9.60 -7.98 11.30
N TYR B 175 8.85 -6.94 10.95
CA TYR B 175 8.12 -6.18 11.97
C TYR B 175 6.87 -6.94 12.41
N LEU B 176 6.00 -7.25 11.47
CA LEU B 176 4.78 -7.99 11.82
C LEU B 176 5.05 -9.48 12.05
N LYS B 177 6.16 -9.98 11.52
CA LYS B 177 6.44 -11.42 11.47
C LYS B 177 5.30 -12.19 10.82
N SER B 178 4.70 -11.65 9.76
CA SER B 178 3.72 -12.42 8.98
C SER B 178 4.36 -13.65 8.34
N ASP B 179 3.55 -14.68 8.08
CA ASP B 179 4.02 -15.83 7.34
C ASP B 179 4.02 -15.57 5.83
N SER B 180 3.16 -14.68 5.36
CA SER B 180 2.97 -14.47 3.95
C SER B 180 2.28 -13.14 3.66
N CYS B 181 2.30 -12.76 2.39
CA CYS B 181 1.54 -11.57 1.95
C CYS B 181 1.00 -11.76 0.55
N THR B 182 0.15 -10.84 0.12
CA THR B 182 -0.29 -10.78 -1.27
C THR B 182 0.53 -9.73 -2.01
N VAL B 183 0.71 -9.96 -3.30
CA VAL B 183 1.60 -9.17 -4.14
C VAL B 183 0.91 -8.98 -5.49
N ASN B 184 1.01 -7.79 -6.06
CA ASN B 184 0.56 -7.54 -7.43
C ASN B 184 1.80 -7.46 -8.32
N ILE B 185 2.02 -8.47 -9.16
CA ILE B 185 3.23 -8.52 -9.99
C ILE B 185 3.07 -7.93 -11.41
N TYR B 186 2.11 -7.05 -11.61
CA TYR B 186 1.95 -6.45 -12.94
C TYR B 186 3.20 -5.68 -13.37
N MET B 187 3.90 -5.08 -12.41
CA MET B 187 5.13 -4.38 -12.75
C MET B 187 6.21 -5.34 -13.24
N GLY B 188 6.20 -6.57 -12.69
CA GLY B 188 7.06 -7.64 -13.19
C GLY B 188 7.34 -8.57 -12.03
N THR B 189 8.10 -9.65 -12.29
CA THR B 189 8.31 -10.69 -11.28
C THR B 189 9.59 -10.49 -10.47
N ASN B 190 10.52 -9.70 -10.97
CA ASN B 190 11.76 -9.42 -10.26
C ASN B 190 11.55 -8.89 -8.85
N MET B 191 10.46 -8.15 -8.62
CA MET B 191 10.15 -7.67 -7.28
C MET B 191 10.07 -8.80 -6.25
N LEU B 192 9.65 -9.98 -6.67
CA LEU B 192 9.58 -11.12 -5.74
C LEU B 192 10.91 -11.49 -5.12
N LYS B 193 12.00 -11.23 -5.82
CA LYS B 193 13.35 -11.45 -5.28
C LYS B 193 13.61 -10.62 -4.04
N ASP B 194 12.96 -9.46 -3.93
CA ASP B 194 13.16 -8.58 -2.80
C ASP B 194 12.01 -8.65 -1.79
N ILE B 195 11.02 -9.51 -2.04
CA ILE B 195 9.88 -9.70 -1.13
C ILE B 195 10.03 -11.08 -0.48
N CYS B 196 10.27 -12.11 -1.30
CA CYS B 196 10.31 -13.51 -0.82
C CYS B 196 11.69 -14.02 -0.42
N TYR B 197 12.70 -13.17 -0.51
CA TYR B 197 14.08 -13.60 -0.28
C TYR B 197 14.88 -12.48 0.35
N ASP B 198 15.61 -12.82 1.40
CA ASP B 198 16.55 -11.86 1.96
C ASP B 198 17.92 -12.53 1.90
N GLU B 199 18.73 -12.11 0.93
CA GLU B 199 20.04 -12.71 0.68
C GLU B 199 20.98 -12.57 1.89
N GLU B 200 21.08 -11.35 2.38
CA GLU B 200 21.89 -11.01 3.55
C GLU B 200 21.61 -11.93 4.75
N LYS B 201 20.34 -12.20 5.02
CA LYS B 201 20.00 -12.97 6.22
C LYS B 201 19.72 -14.42 5.89
N ASN B 202 19.76 -14.75 4.61
CA ASN B 202 19.37 -16.07 4.10
C ASN B 202 18.00 -16.46 4.64
N LYS B 203 17.01 -15.59 4.42
CA LYS B 203 15.62 -15.85 4.81
C LYS B 203 14.72 -15.94 3.57
N TYR B 204 13.71 -16.81 3.64
CA TYR B 204 12.79 -17.00 2.53
C TYR B 204 11.38 -16.81 3.08
N TYR B 205 10.51 -16.20 2.27
CA TYR B 205 9.14 -15.88 2.70
C TYR B 205 8.15 -16.26 1.60
N SER B 206 6.88 -16.47 1.96
CA SER B 206 5.89 -16.89 0.97
C SER B 206 4.99 -15.72 0.56
N ALA B 207 4.41 -15.82 -0.62
CA ALA B 207 3.54 -14.78 -1.16
C ALA B 207 2.48 -15.39 -2.05
N PHE B 208 1.30 -14.75 -2.12
CA PHE B 208 0.32 -15.12 -3.11
C PHE B 208 0.21 -13.95 -4.10
N VAL B 209 0.39 -14.21 -5.39
CA VAL B 209 0.30 -13.14 -6.40
C VAL B 209 -1.11 -13.08 -6.96
N LEU B 210 -1.55 -11.89 -7.37
CA LEU B 210 -2.90 -11.74 -7.89
C LEU B 210 -2.96 -12.45 -9.24
N VAL B 211 -3.92 -13.35 -9.43
CA VAL B 211 -4.07 -14.05 -10.72
C VAL B 211 -5.42 -13.68 -11.32
N LYS B 212 -6.50 -14.04 -10.65
CA LYS B 212 -7.84 -13.71 -11.15
C LYS B 212 -8.62 -13.17 -9.96
N THR B 213 -9.00 -11.90 -10.02
CA THR B 213 -9.67 -11.28 -8.88
C THR B 213 -11.20 -11.29 -9.03
N THR B 214 -11.88 -10.90 -7.96
CA THR B 214 -13.32 -11.05 -7.81
C THR B 214 -14.13 -9.86 -8.31
N ASN B 215 -13.49 -8.72 -8.56
CA ASN B 215 -14.22 -7.51 -8.95
C ASN B 215 -14.97 -7.72 -10.28
N PRO B 216 -16.12 -7.05 -10.46
CA PRO B 216 -16.90 -7.35 -11.66
C PRO B 216 -16.18 -7.13 -12.98
N ASP B 217 -15.28 -6.15 -13.05
CA ASP B 217 -14.61 -5.86 -14.32
C ASP B 217 -13.23 -6.53 -14.42
N SER B 218 -13.02 -7.63 -13.68
CA SER B 218 -11.68 -8.23 -13.65
C SER B 218 -11.20 -8.78 -14.99
N ALA B 219 -12.12 -9.09 -15.90
CA ALA B 219 -11.75 -9.56 -17.24
C ALA B 219 -10.92 -8.55 -18.05
N ILE B 220 -11.12 -7.27 -17.78
CA ILE B 220 -10.55 -6.19 -18.62
C ILE B 220 -9.07 -6.37 -18.99
N PHE B 221 -8.25 -6.78 -18.04
CA PHE B 221 -6.84 -7.02 -18.27
C PHE B 221 -6.49 -8.48 -18.02
N GLN B 222 -7.03 -9.09 -16.99
CA GLN B 222 -6.69 -10.48 -16.63
C GLN B 222 -7.14 -11.52 -17.67
N LYS B 223 -8.17 -11.19 -18.43
CA LYS B 223 -8.67 -12.13 -19.44
C LYS B 223 -8.54 -11.61 -20.87
N ASN B 224 -8.75 -10.31 -21.06
CA ASN B 224 -8.79 -9.74 -22.43
C ASN B 224 -7.42 -9.53 -23.09
N LEU B 225 -6.39 -9.33 -22.28
CA LEU B 225 -5.01 -9.28 -22.75
C LEU B 225 -4.54 -10.71 -22.87
N SER B 226 -3.64 -11.00 -23.81
CA SER B 226 -3.04 -12.33 -23.91
C SER B 226 -1.61 -12.35 -24.44
N LEU B 227 -0.97 -13.51 -24.35
CA LEU B 227 0.31 -13.77 -24.99
C LEU B 227 0.24 -15.20 -25.54
N ASP B 228 0.55 -15.34 -26.84
CA ASP B 228 0.38 -16.59 -27.59
C ASP B 228 -0.75 -17.52 -27.16
N ASN B 229 -1.97 -17.09 -27.45
CA ASN B 229 -3.18 -17.87 -27.19
C ASN B 229 -3.45 -18.22 -25.72
N LYS B 230 -2.79 -17.52 -24.80
CA LYS B 230 -3.05 -17.73 -23.37
C LYS B 230 -3.45 -16.40 -22.76
N GLN B 231 -4.47 -16.42 -21.91
CA GLN B 231 -4.95 -15.21 -21.26
C GLN B 231 -3.91 -14.72 -20.25
N ALA B 232 -3.89 -13.41 -19.99
CA ALA B 232 -2.90 -12.81 -19.11
C ALA B 232 -2.79 -13.53 -17.78
N TYR B 233 -3.92 -13.93 -17.19
CA TYR B 233 -3.84 -14.54 -15.87
C TYR B 233 -2.99 -15.82 -15.88
N VAL B 234 -3.02 -16.55 -16.98
CA VAL B 234 -2.22 -17.79 -17.09
C VAL B 234 -0.73 -17.46 -17.22
N ILE B 235 -0.45 -16.48 -18.07
CA ILE B 235 0.91 -15.97 -18.26
C ILE B 235 1.49 -15.53 -16.91
N MET B 236 0.71 -14.75 -16.18
CA MET B 236 1.11 -14.23 -14.87
C MET B 236 1.36 -15.32 -13.82
N ALA B 237 0.48 -16.31 -13.75
CA ALA B 237 0.65 -17.49 -12.89
C ALA B 237 1.93 -18.23 -13.26
N GLN B 238 2.15 -18.45 -14.56
CA GLN B 238 3.32 -19.20 -14.99
C GLN B 238 4.58 -18.44 -14.65
N GLU B 239 4.59 -17.13 -14.92
CA GLU B 239 5.80 -16.36 -14.62
C GLU B 239 6.08 -16.31 -13.12
N ALA B 240 5.04 -16.29 -12.30
CA ALA B 240 5.23 -16.30 -10.86
C ALA B 240 5.88 -17.59 -10.36
N LEU B 241 5.40 -18.72 -10.88
CA LEU B 241 6.06 -20.00 -10.56
C LEU B 241 7.50 -20.12 -11.10
N ASN B 242 7.76 -19.52 -12.27
CA ASN B 242 9.12 -19.48 -12.81
C ASN B 242 10.05 -18.74 -11.83
N MET B 243 9.55 -17.62 -11.30
CA MET B 243 10.31 -16.88 -10.30
C MET B 243 10.47 -17.69 -9.02
N SER B 244 9.43 -18.39 -8.57
CA SER B 244 9.57 -19.29 -7.44
C SER B 244 10.73 -20.29 -7.66
N SER B 245 10.80 -20.82 -8.87
N SER B 245 10.84 -20.79 -8.88
CA SER B 245 11.87 -21.73 -9.30
CA SER B 245 11.89 -21.75 -9.26
C SER B 245 13.23 -21.04 -9.21
C SER B 245 13.29 -21.13 -9.34
N TYR B 246 13.41 -19.92 -9.90
CA TYR B 246 14.69 -19.19 -9.87
C TYR B 246 15.15 -18.98 -8.41
N LEU B 247 14.22 -18.67 -7.51
CA LEU B 247 14.51 -18.45 -6.10
C LEU B 247 14.67 -19.71 -5.23
N ASN B 248 14.36 -20.89 -5.78
CA ASN B 248 14.31 -22.10 -4.96
C ASN B 248 13.48 -22.00 -3.69
N LEU B 249 12.32 -21.35 -3.81
CA LEU B 249 11.50 -21.19 -2.63
C LEU B 249 11.08 -22.51 -2.03
N GLU B 250 10.61 -23.44 -2.86
CA GLU B 250 9.94 -24.61 -2.28
C GLU B 250 10.96 -25.53 -1.63
N GLN B 251 12.15 -25.54 -2.22
CA GLN B 251 13.36 -26.08 -1.60
C GLN B 251 13.53 -25.61 -0.16
N ASN B 252 13.05 -24.42 0.15
CA ASN B 252 13.20 -23.82 1.48
C ASN B 252 11.89 -23.74 2.25
N ASN B 253 10.93 -24.57 1.86
CA ASN B 253 9.64 -24.71 2.53
C ASN B 253 8.81 -23.44 2.50
N GLU B 254 8.95 -22.66 1.43
CA GLU B 254 8.13 -21.46 1.23
C GLU B 254 7.59 -21.60 -0.18
N PHE B 255 6.68 -20.72 -0.62
CA PHE B 255 6.10 -20.87 -1.95
C PHE B 255 5.60 -19.52 -2.44
N ILE B 256 5.42 -19.45 -3.75
CA ILE B 256 4.62 -18.43 -4.41
C ILE B 256 3.34 -19.12 -4.90
N GLY B 257 2.21 -18.62 -4.42
CA GLY B 257 0.90 -19.10 -4.83
C GLY B 257 0.07 -18.04 -5.52
N PHE B 258 -1.22 -18.33 -5.70
CA PHE B 258 -2.09 -17.54 -6.57
C PHE B 258 -3.34 -17.11 -5.82
N VAL B 259 -3.75 -15.85 -6.03
CA VAL B 259 -5.07 -15.44 -5.60
C VAL B 259 -6.00 -15.67 -6.79
N VAL B 260 -6.94 -16.59 -6.60
CA VAL B 260 -7.98 -16.88 -7.61
C VAL B 260 -9.36 -16.72 -6.96
N GLY B 261 -10.13 -15.76 -7.45
CA GLY B 261 -11.48 -15.44 -6.97
C GLY B 261 -12.40 -16.64 -6.82
N ALA B 262 -13.18 -16.65 -5.74
CA ALA B 262 -14.15 -17.74 -5.50
C ALA B 262 -15.38 -17.66 -6.40
N ASN B 263 -15.44 -16.63 -7.24
CA ASN B 263 -16.51 -16.51 -8.23
C ASN B 263 -15.95 -16.73 -9.64
N SER B 264 -14.78 -17.35 -9.74
CA SER B 264 -14.07 -17.46 -10.99
C SER B 264 -13.83 -18.94 -11.31
N TYR B 265 -14.94 -19.68 -11.48
CA TYR B 265 -14.86 -21.14 -11.59
C TYR B 265 -14.03 -21.69 -12.73
N ASP B 266 -14.20 -21.13 -13.93
CA ASP B 266 -13.41 -21.55 -15.08
C ASP B 266 -11.92 -21.42 -14.83
N GLU B 267 -11.52 -20.26 -14.28
CA GLU B 267 -10.11 -19.96 -14.00
C GLU B 267 -9.57 -20.82 -12.87
N MET B 268 -10.38 -21.02 -11.83
CA MET B 268 -10.03 -21.90 -10.72
C MET B 268 -9.78 -23.30 -11.29
N ASN B 269 -10.71 -23.74 -12.12
CA ASN B 269 -10.64 -25.07 -12.73
C ASN B 269 -9.39 -25.17 -13.60
N TYR B 270 -9.13 -24.17 -14.44
CA TYR B 270 -7.92 -24.14 -15.26
C TYR B 270 -6.62 -24.13 -14.44
N ILE B 271 -6.56 -23.26 -13.43
CA ILE B 271 -5.35 -23.13 -12.62
C ILE B 271 -5.04 -24.45 -11.90
N ARG B 272 -6.04 -25.06 -11.29
CA ARG B 272 -5.83 -26.34 -10.59
C ARG B 272 -5.46 -27.48 -11.54
N THR B 273 -6.04 -27.48 -12.73
CA THR B 273 -5.71 -28.50 -13.72
C THR B 273 -4.25 -28.38 -14.19
N TYR B 274 -3.86 -27.18 -14.59
CA TYR B 274 -2.56 -26.94 -15.21
C TYR B 274 -1.40 -26.68 -14.27
N PHE B 275 -1.71 -26.25 -13.04
CA PHE B 275 -0.70 -26.11 -12.01
C PHE B 275 -1.15 -27.02 -10.86
N PRO B 276 -0.96 -28.35 -11.01
CA PRO B 276 -1.66 -29.24 -10.09
C PRO B 276 -1.30 -29.08 -8.62
N ASN B 277 -0.09 -28.66 -8.30
CA ASN B 277 0.29 -28.60 -6.90
C ASN B 277 0.46 -27.19 -6.36
N CYS B 278 -0.12 -26.20 -7.04
CA CYS B 278 -0.03 -24.81 -6.61
C CYS B 278 -0.85 -24.54 -5.35
N TYR B 279 -0.49 -23.48 -4.64
CA TYR B 279 -1.21 -22.99 -3.47
C TYR B 279 -2.11 -21.85 -3.92
N ILE B 280 -3.39 -21.99 -3.63
CA ILE B 280 -4.38 -21.00 -4.04
C ILE B 280 -5.04 -20.39 -2.82
N LEU B 281 -5.21 -19.07 -2.88
CA LEU B 281 -5.98 -18.32 -1.90
C LEU B 281 -7.20 -17.76 -2.62
N SER B 282 -8.38 -18.02 -2.09
CA SER B 282 -9.63 -17.76 -2.79
C SER B 282 -10.61 -16.93 -1.96
N PRO B 283 -10.63 -15.61 -2.15
CA PRO B 283 -11.61 -14.77 -1.50
C PRO B 283 -12.85 -14.62 -2.39
N GLY B 284 -13.95 -14.14 -1.81
CA GLY B 284 -15.12 -13.87 -2.64
C GLY B 284 -16.36 -14.63 -2.25
N ILE B 285 -16.27 -15.56 -1.29
CA ILE B 285 -17.50 -16.19 -0.75
C ILE B 285 -18.10 -15.38 0.40
N GLY B 286 -19.44 -15.33 0.47
CA GLY B 286 -20.14 -14.62 1.54
C GLY B 286 -20.62 -13.27 1.05
N ALA B 287 -19.89 -12.20 1.39
CA ALA B 287 -20.29 -10.87 0.98
C ALA B 287 -20.29 -10.69 -0.53
N GLN B 288 -19.41 -11.38 -1.24
CA GLN B 288 -19.36 -11.24 -2.70
C GLN B 288 -20.06 -12.38 -3.44
N ASN B 289 -20.94 -13.10 -2.77
CA ASN B 289 -21.82 -14.04 -3.46
C ASN B 289 -21.15 -15.18 -4.26
N GLY B 290 -19.83 -15.35 -4.11
CA GLY B 290 -19.11 -16.48 -4.70
C GLY B 290 -19.71 -17.80 -4.23
N ASP B 291 -19.37 -18.92 -4.86
CA ASP B 291 -20.02 -20.18 -4.49
C ASP B 291 -19.11 -21.22 -3.85
N LEU B 292 -19.42 -21.58 -2.62
CA LEU B 292 -18.52 -22.39 -1.81
C LEU B 292 -18.32 -23.78 -2.37
N HIS B 293 -19.40 -24.48 -2.68
CA HIS B 293 -19.26 -25.82 -3.24
C HIS B 293 -18.49 -25.85 -4.55
N LYS B 294 -18.83 -24.97 -5.50
CA LYS B 294 -18.13 -24.92 -6.78
C LYS B 294 -16.66 -24.52 -6.69
N THR B 295 -16.38 -23.52 -5.87
CA THR B 295 -15.03 -23.04 -5.65
C THR B 295 -14.17 -24.17 -5.08
N LEU B 296 -14.63 -24.79 -4.00
CA LEU B 296 -13.82 -25.81 -3.37
C LEU B 296 -13.68 -27.04 -4.25
N THR B 297 -14.73 -27.41 -4.97
CA THR B 297 -14.67 -28.52 -5.93
C THR B 297 -13.68 -28.25 -7.05
N ASN B 298 -13.75 -27.06 -7.65
CA ASN B 298 -12.84 -26.71 -8.75
C ASN B 298 -11.39 -26.49 -8.35
N GLY B 299 -11.16 -26.03 -7.12
CA GLY B 299 -9.79 -25.80 -6.69
C GLY B 299 -9.26 -26.89 -5.77
N TYR B 300 -10.04 -27.96 -5.61
CA TYR B 300 -9.73 -29.01 -4.66
C TYR B 300 -8.34 -29.61 -4.85
N HIS B 301 -7.65 -29.82 -3.73
CA HIS B 301 -6.45 -30.63 -3.67
C HIS B 301 -6.51 -31.47 -2.42
N LYS B 302 -5.99 -32.70 -2.47
CA LYS B 302 -6.03 -33.52 -1.28
C LYS B 302 -5.21 -32.93 -0.13
N SER B 303 -4.12 -32.20 -0.43
CA SER B 303 -3.46 -31.41 0.60
C SER B 303 -4.18 -30.07 0.60
N TYR B 304 -5.30 -30.00 1.31
CA TYR B 304 -6.24 -28.90 1.08
C TYR B 304 -5.84 -27.54 1.68
N GLU B 305 -4.69 -27.47 2.34
CA GLU B 305 -4.09 -26.17 2.66
C GLU B 305 -3.72 -25.43 1.36
N LYS B 306 -3.69 -26.17 0.25
CA LYS B 306 -3.50 -25.60 -1.10
C LYS B 306 -4.73 -24.93 -1.70
N ILE B 307 -5.85 -24.93 -0.97
CA ILE B 307 -7.04 -24.20 -1.43
C ILE B 307 -7.66 -23.50 -0.23
N LEU B 308 -7.10 -22.32 0.10
CA LEU B 308 -7.60 -21.59 1.24
C LEU B 308 -8.86 -20.85 0.81
N ILE B 309 -9.92 -21.06 1.57
CA ILE B 309 -11.19 -20.40 1.33
C ILE B 309 -11.34 -19.23 2.32
N ASN B 310 -11.20 -18.02 1.80
CA ASN B 310 -11.21 -16.85 2.69
C ASN B 310 -12.63 -16.34 2.87
N ILE B 311 -13.01 -16.21 4.14
CA ILE B 311 -14.29 -15.62 4.53
C ILE B 311 -14.07 -14.48 5.53
N GLY B 312 -14.44 -13.26 5.12
CA GLY B 312 -14.21 -12.08 5.95
C GLY B 312 -15.50 -11.61 6.57
N ARG B 313 -16.18 -10.70 5.86
CA ARG B 313 -17.39 -10.02 6.34
C ARG B 313 -18.51 -10.97 6.78
N ALA B 314 -18.70 -12.06 6.06
CA ALA B 314 -19.70 -13.08 6.45
C ALA B 314 -19.52 -13.63 7.85
N ILE B 315 -18.31 -13.52 8.39
CA ILE B 315 -17.96 -13.85 9.77
C ILE B 315 -17.91 -12.59 10.64
N THR B 316 -17.20 -11.57 10.20
CA THR B 316 -16.88 -10.46 11.10
C THR B 316 -18.04 -9.48 11.30
N LYS B 317 -18.97 -9.44 10.37
CA LYS B 317 -20.15 -8.56 10.46
C LYS B 317 -21.37 -9.33 10.99
N ASN B 318 -21.11 -10.54 11.48
CA ASN B 318 -22.16 -11.43 12.02
C ASN B 318 -22.19 -11.21 13.52
N PRO B 319 -23.40 -11.04 14.09
CA PRO B 319 -23.61 -10.85 15.53
C PRO B 319 -22.92 -11.91 16.39
N TYR B 320 -22.89 -13.16 15.90
CA TYR B 320 -22.15 -14.23 16.56
C TYR B 320 -21.16 -14.85 15.59
N PRO B 321 -19.94 -14.31 15.55
CA PRO B 321 -18.90 -14.80 14.64
C PRO B 321 -18.51 -16.25 14.88
N GLN B 322 -18.49 -16.73 16.12
CA GLN B 322 -18.21 -18.15 16.38
C GLN B 322 -19.15 -19.07 15.59
N LYS B 323 -20.44 -18.77 15.60
CA LYS B 323 -21.42 -19.61 14.92
C LYS B 323 -21.24 -19.53 13.41
N ALA B 324 -20.94 -18.33 12.91
CA ALA B 324 -20.64 -18.12 11.49
C ALA B 324 -19.41 -18.92 11.06
N ALA B 325 -18.34 -18.85 11.85
CA ALA B 325 -17.12 -19.62 11.60
C ALA B 325 -17.40 -21.12 11.61
N GLN B 326 -18.11 -21.57 12.65
CA GLN B 326 -18.43 -22.98 12.78
C GLN B 326 -19.18 -23.52 11.57
N MET B 327 -20.12 -22.76 11.04
CA MET B 327 -20.92 -23.23 9.92
C MET B 327 -20.10 -23.30 8.65
N TYR B 328 -19.23 -22.32 8.43
CA TYR B 328 -18.35 -22.42 7.28
C TYR B 328 -17.38 -23.59 7.41
N TYR B 329 -16.85 -23.79 8.62
CA TYR B 329 -15.97 -24.92 8.91
C TYR B 329 -16.71 -26.22 8.56
N ASP B 330 -17.93 -26.36 9.05
CA ASP B 330 -18.66 -27.62 8.90
C ASP B 330 -18.97 -27.86 7.42
N GLN B 331 -19.40 -26.82 6.72
CA GLN B 331 -19.69 -26.96 5.29
C GLN B 331 -18.44 -27.27 4.47
N ILE B 332 -17.38 -26.52 4.70
CA ILE B 332 -16.10 -26.87 4.07
C ILE B 332 -15.79 -28.34 4.30
N ASN B 333 -15.89 -28.79 5.55
CA ASN B 333 -15.48 -30.16 5.85
C ASN B 333 -16.37 -31.20 5.17
N ALA B 334 -17.67 -30.92 5.07
CA ALA B 334 -18.61 -31.81 4.37
C ALA B 334 -18.32 -31.87 2.87
N ILE B 335 -17.99 -30.74 2.26
CA ILE B 335 -17.51 -30.70 0.87
C ILE B 335 -16.16 -31.40 0.67
N LEU B 336 -15.20 -31.16 1.56
CA LEU B 336 -13.92 -31.85 1.48
C LEU B 336 -14.05 -33.38 1.49
N LYS B 337 -15.01 -33.89 2.25
CA LYS B 337 -15.26 -35.33 2.29
C LYS B 337 -15.88 -35.84 0.98
N GLN B 338 -16.90 -35.14 0.47
CA GLN B 338 -17.43 -35.43 -0.86
C GLN B 338 -16.31 -35.61 -1.90
N ASN B 339 -15.40 -34.64 -1.98
CA ASN B 339 -14.28 -34.71 -2.92
C ASN B 339 -13.16 -35.72 -2.61
N MET B 340 -13.08 -36.19 -1.37
CA MET B 340 -11.95 -37.03 -0.97
C MET B 340 -11.91 -38.36 -1.72
S SO4 C . -15.69 8.76 3.50
O1 SO4 C . -15.08 9.64 4.52
O2 SO4 C . -16.57 9.55 2.64
O3 SO4 C . -14.62 8.12 2.72
O4 SO4 C . -16.49 7.76 4.22
O4 NUP D . 8.44 2.60 -12.24
C4 NUP D . 8.59 3.24 -11.20
N2 NUP D . 9.84 3.50 -10.79
C2 NUP D . 10.09 4.18 -9.66
O2 NUP D . 11.27 4.41 -9.31
C5 NUP D . 7.45 3.67 -10.51
C6 NUP D . 7.70 4.36 -9.34
N3 NUP D . 6.63 4.81 -8.63
N1 NUP D . 9.00 4.63 -8.88
C1' NUP D . 9.19 5.36 -7.61
O4' NUP D . 9.82 6.64 -7.79
C2' NUP D . 10.08 4.59 -6.64
O2' NUP D . 9.45 3.58 -5.84
C3' NUP D . 10.64 5.73 -5.79
O3' NUP D . 9.63 6.11 -4.85
C4' NUP D . 10.83 6.87 -6.80
C5' NUP D . 12.19 6.91 -7.48
O5' NUP D . 13.09 7.51 -6.56
P NUP D . 14.65 7.74 -6.87
O1P NUP D . 14.87 9.04 -7.64
O2P NUP D . 15.25 7.75 -5.49
O3P NUP D . 15.05 6.55 -7.72
O13 7PE E . 24.57 16.90 -8.49
C12 7PE E . 23.51 17.38 -9.34
C11 7PE E . 23.77 17.02 -10.81
O10 7PE E . 23.18 17.96 -11.73
C1 PEG F . -20.20 10.18 -11.63
O1 PEG F . -20.14 11.45 -10.96
C2 PEG F . -20.26 10.46 -13.13
O2 PEG F . -21.14 9.53 -13.76
C3 PEG F . -22.20 10.21 -14.44
C4 PEG F . -23.30 9.20 -14.79
O4 PEG F . -24.54 9.88 -14.92
S SO4 G . 18.92 -8.11 0.49
O1 SO4 G . 18.29 -7.12 1.37
O2 SO4 G . 19.54 -7.40 -0.62
O3 SO4 G . 19.92 -8.86 1.27
O4 SO4 G . 17.97 -9.05 -0.08
O4 NUP H . -10.12 -10.63 -5.92
C4 NUP H . -9.97 -10.36 -4.72
N2 NUP H . -11.09 -10.19 -4.02
C2 NUP H . -11.05 -9.90 -2.71
O2 NUP H . -12.13 -9.76 -2.10
C5 NUP H . -8.69 -10.27 -4.17
C6 NUP H . -8.62 -9.96 -2.83
N3 NUP H . -7.40 -9.87 -2.27
N1 NUP H . -9.80 -9.76 -2.07
C1' NUP H . -9.75 -9.44 -0.63
O4' NUP H . -10.25 -10.57 0.13
C2' NUP H . -10.58 -8.23 -0.20
O2' NUP H . -9.97 -6.93 -0.30
C3' NUP H . -10.91 -8.61 1.22
O3' NUP H . -9.81 -8.26 2.06
C4' NUP H . -11.10 -10.13 1.17
C5' NUP H . -12.56 -10.54 0.91
O5' NUP H . -13.31 -10.22 2.07
P NUP H . -14.90 -10.49 2.22
O1P NUP H . -15.23 -9.60 3.37
O2P NUP H . -15.48 -10.18 0.86
O3P NUP H . -14.98 -11.97 2.61
C1 PEG I . -26.20 -14.55 14.57
O1 PEG I . -27.34 -13.68 14.54
C2 PEG I . -26.16 -15.41 13.31
O2 PEG I . -25.23 -16.50 13.46
C3 PEG I . -25.42 -17.49 12.45
C4 PEG I . -24.18 -17.63 11.57
O4 PEG I . -24.54 -17.76 10.18
#